data_3J0L
#
_entry.id   3J0L
#
_cell.length_a   1
_cell.length_b   1
_cell.length_c   1
_cell.angle_alpha   90
_cell.angle_beta   90
_cell.angle_gamma   90
#
_symmetry.space_group_name_H-M   'P 1'
#
loop_
_entity.id
_entity.type
_entity.pdbx_description
1 polymer '40S ribosomal RNA fragment'
2 polymer '40S ribosomal RNA fragment'
3 polymer '40S ribosomal RNA fragment'
4 polymer '40S ribosomal RNA fragment'
5 polymer '40S ribosomal RNA fragment'
6 polymer '40S ribosomal RNA fragment'
7 polymer '40S ribosomal RNA fragment'
8 polymer '40S ribosomal RNA fragment'
9 polymer '40S ribosomal RNA fragment'
10 polymer '40S ribosomal RNA fragment'
11 polymer 'Ribosomal protein S5'
12 polymer 'Ribosomal protein S14'
13 polymer 'Ribosomal protein S23'
14 polymer 'Ribosomal protein S30'
15 polymer 'Ribosomal protein S15'
16 polymer '60S ribosomal RNA fragment'
17 polymer '60S ribosomal RNA fragment'
18 polymer '60S ribosomal RNA fragment'
19 polymer '60S ribosomal RNA fragment'
20 polymer '60S ribosomal RNA fragment'
21 polymer '60S ribosomal RNA fragment'
22 polymer '60S ribosomal RNA fragment'
23 polymer '60S ribosomal RNA fragment'
24 polymer 'Ribosomal protein L10a'
25 polymer 'Ribosomal protein L10'
26 polymer 'Ribosomal protein L36a'
27 polymer tRNA
28 polymer 'mRNA fragment'
29 polymer 'mRNA fragment'
#
loop_
_entity_poly.entity_id
_entity_poly.type
_entity_poly.pdbx_seq_one_letter_code
_entity_poly.pdbx_strand_id
1 'polyribonucleotide' GGAGGGCAAGUCAUGGUGCCAGCAGCCGCGGUAAUUCCAGCUCCAAUA a
2 'polyribonucleotide' GAGGUGAAAUUC b
3 'polyribonucleotide' GACGAUCAGAUACCGUC c
4 'polyribonucleotide' CGAGGAA d
5 'polyribonucleotide' ACCA e
6 'polyribonucleotide' UCCCU E
7 'polyribonucleotide' GGUGGUGGUGCAUGGCCGUUC f
8 'polyribonucleotide' GAACCUGCGGCUUAAUUUGACUCAACACGGG g
9 'polyribonucleotide' GCACGCGCGUUAC G
10 'polyribonucleotide'
;CACCGCCCGUCGCUUGUAGUAACGAAUGGUCUGGUGAACCUUCUGGACUGCGACAGCAAUGUUGCGGAAAAAUAAGUAAA
CCCUACCAUUUGGAACAACAAGAAGUCGUAA
;
h
11 'polypeptide(L)'
;TQPKLFGKWNYDEVKIQDPCFQNYIACTTTKSQVFVPHTAGRYQVKKFRKTQCPIVERLIGTLMFHGRNAGKKALCIKVV
KNAFEIIHLVTGRNPLEVFVGAVQNAGPREDSTRIGTAGVVRKQAVDVAPMRRVNLAIYFIIKGCRESAFKSMRSIAETL
ADEIINAEKNNTQSSWAIRKKDEIEKVAKGNR
;
T
12 'polypeptide(L)'
;EVISYGPPNVGANENVFGVCHIMATWNDTFIHVTDLSGRETLVRVTGGMKVKADREESSPYAAMQAAIDVVNRCKELKIN
ALHIKLRAKGGVETKQPGPGAQSALRALARSGMKIGRIEDVTPIPTDSTRREGGRRGRRL
;
K
13 'polypeptide(L)'
;GVGKPRGIRAGRKLARHRKDQRWADNDFNKRLLGSRWRNPFMGASHAKGLVTEKIGIESKQPNSAVRKCVRVLLRKNSKK
IAAFVPMDGCLNFLAENDEVLVAGLGRQGHAVGDIPGVRFKVVCVKGISLLALFKGKKEKR
;
L
14 'polypeptide(L)' TLAKAGKVRKQTPKVEKKDKPRKTPKGRSYKRILYNRRYAPHILATDPKKRKSPNWHAGKKEKMDAAA X
15 'polypeptide(L)'
;FTFRGKGLEELTALASGSNSEKLISDELAALFDAKTRRRVKRGISEKYAKFVNKVRRSKEKCPAGEKPVPVKTHYRSMIV
IPELVGGIVGVYNGKEFVNVEVKFDMIGKYLAEFAMTYKPTTHGK
;
S
16 'polyribonucleotide' GAAUGAUUAGAGGUUCCGGGGUCGAAAUGACCUUGACCUAUUCUCAAACU 1
17 'polyribonucleotide'
;GCCCAGUGCUCUGAAUGUCAAAGUGAAGAAAUUCAACCAAGCGCGGGUAAACGGCGGGAGUAACUAUGACUCUCUUAAGG
UAGCCAAAUGCCUCGUCAUCUAAUUAGUGACG
;
2
18 'polyribonucleotide' GCCAGUGAAAUA 3
19 'polyribonucleotide' GGCUGGGGCGGCAC 4
20 'polyribonucleotide' CCUAAG 5
21 'polyribonucleotide' AGAACAAAAGGGUAAAAGC 6
22 'polyribonucleotide' GCUUGUGGCAGUCAAGCGUUCAUAGCGACAUUGCUUUUUGAUUCUUCGAU 7
23 'polyribonucleotide' GACCGUCGUGAGACAGGUUA 8
24 'polypeptide(L)'
;ITSSQVREHVKELLKYSNETKKRNFLETVELQVGLKNYDPQRDKRFSGSLKLPNCPRPNMSICIFGDAFDVDRAKSCGVD
AMSVDDLKKLNKNKKLIKKLSKKYNAFIASEVLIKQVPRLLGPQLSKAGKFPTPVSHNDDLYGKVTDVRSTIKFQLKKVL
CLAVAVGNVEMEEDVLVNQILMSVNFFVSLLKKNWQNVGSLVVKSSMGPAFRL
;
B
25 'polypeptide(L)'
;RRPARCYRYQKNKPYPKSRYNRAVPDSKIRIYDLGKKKATVDEFPLCVHLVSNELEQLSSEALEAARICANKYMTTVSGR
DAFHLRVRVHPFHVLRINKMLSCAGADRLQQGMRGAWGKPHGLAARVDIGQIIFSVRTKDSNKDVVVEGLRRARYKFPGQ
QKIILSKKWGFTNLDRPEYLKKREAGEVKDDGAFVKFLSKKGSLENNIREFPEYFAAQA
;
J
26 'polypeptide(L)'
;VNVPKTRKTYCKGKTCRKHTQHKVTQYKAGKASLFAQGKRRYDRKQSGFGGQTKPVFHKKAKTTKKVVLRLECVKCKTRA
QLTLKRCKHFELGGE
;
F
27 'polyribonucleotide' GCCCGGAUAGCUCAGUCGGUAGAGCAGGGGAUUGAAAAUCCCCGUGUCCUUGGUUCGAUUCCGAGUCCGGGCACCA Y,V,W
28 'polyribonucleotide' UUC y,v
29 'polyribonucleotide' AA w
#
loop_
_chem_comp.id
_chem_comp.type
_chem_comp.name
_chem_comp.formula
A RNA linking ADENOSINE-5'-MONOPHOSPHATE 'C10 H14 N5 O7 P'
C RNA linking CYTIDINE-5'-MONOPHOSPHATE 'C9 H14 N3 O8 P'
G RNA linking GUANOSINE-5'-MONOPHOSPHATE 'C10 H14 N5 O8 P'
U RNA linking URIDINE-5'-MONOPHOSPHATE 'C9 H13 N2 O9 P'
#
# COMPACT_ATOMS: atom_id res chain seq x y z
N THR K 1 -49.63 -57.51 7.85
CA THR K 1 -48.99 -56.75 8.97
C THR K 1 -48.26 -55.48 8.48
N GLN K 2 -48.04 -54.55 9.40
CA GLN K 2 -47.40 -53.26 9.12
C GLN K 2 -45.90 -53.31 8.80
N PRO K 3 -45.52 -52.92 7.57
CA PRO K 3 -44.11 -52.92 7.15
C PRO K 3 -43.29 -51.76 7.74
N LYS K 4 -42.55 -52.04 8.79
CA LYS K 4 -41.73 -51.04 9.46
C LYS K 4 -40.60 -50.56 8.56
N LEU K 5 -40.11 -49.35 8.80
CA LEU K 5 -39.02 -48.76 8.02
C LEU K 5 -37.68 -49.37 8.40
N PHE K 6 -36.87 -49.69 7.40
CA PHE K 6 -35.57 -50.30 7.64
C PHE K 6 -35.77 -51.54 8.48
N GLY K 7 -37.03 -51.97 8.58
CA GLY K 7 -37.39 -53.15 9.34
C GLY K 7 -37.70 -52.90 10.81
N LYS K 8 -37.41 -51.69 11.29
CA LYS K 8 -37.64 -51.36 12.68
C LYS K 8 -38.01 -49.92 12.95
N TRP K 9 -39.16 -49.50 12.43
CA TRP K 9 -39.66 -48.14 12.65
C TRP K 9 -41.07 -47.98 12.10
N ASN K 10 -42.04 -48.18 12.98
CA ASN K 10 -43.46 -48.07 12.63
C ASN K 10 -43.79 -46.70 12.04
N TYR K 11 -44.49 -46.68 10.90
CA TYR K 11 -44.86 -45.42 10.24
C TYR K 11 -46.02 -44.73 10.95
N ASP K 12 -46.96 -45.55 11.43
CA ASP K 12 -48.13 -45.05 12.11
C ASP K 12 -47.76 -44.46 13.46
N GLU K 13 -46.46 -44.41 13.73
CA GLU K 13 -45.93 -43.89 14.98
C GLU K 13 -45.93 -42.36 14.88
N VAL K 14 -46.31 -41.85 13.71
CA VAL K 14 -46.37 -40.42 13.50
C VAL K 14 -47.68 -40.01 12.86
N LYS K 15 -47.97 -38.72 12.97
CA LYS K 15 -49.16 -38.14 12.39
C LYS K 15 -48.80 -36.67 12.13
N ILE K 16 -49.42 -36.08 11.12
CA ILE K 16 -49.14 -34.69 10.79
C ILE K 16 -50.23 -33.85 11.42
N GLN K 17 -49.90 -33.23 12.54
CA GLN K 17 -50.87 -32.41 13.26
C GLN K 17 -51.28 -31.16 12.50
N ASP K 18 -50.30 -30.45 11.96
CA ASP K 18 -50.61 -29.25 11.18
C ASP K 18 -51.24 -29.70 9.85
N PRO K 19 -52.25 -28.97 9.35
CA PRO K 19 -52.96 -29.27 8.09
C PRO K 19 -52.18 -28.91 6.84
N CYS K 20 -51.31 -27.91 7.01
CA CYS K 20 -50.44 -27.42 5.94
C CYS K 20 -49.77 -28.63 5.26
N PHE K 21 -48.86 -29.28 5.99
CA PHE K 21 -48.09 -30.41 5.48
C PHE K 21 -48.80 -31.72 5.18
N GLN K 22 -50.05 -31.87 5.60
CA GLN K 22 -50.77 -33.11 5.40
C GLN K 22 -50.68 -33.79 4.03
N ASN K 23 -50.75 -33.00 2.95
CA ASN K 23 -50.72 -33.56 1.60
C ASN K 23 -49.34 -33.40 0.99
N TYR K 24 -48.51 -32.59 1.62
CA TYR K 24 -47.18 -32.31 1.13
C TYR K 24 -46.12 -33.12 1.87
N ILE K 25 -46.46 -34.36 2.18
CA ILE K 25 -45.53 -35.23 2.88
C ILE K 25 -45.93 -36.68 2.60
N ALA K 26 -45.10 -37.64 2.99
CA ALA K 26 -45.37 -39.05 2.70
C ALA K 26 -45.75 -40.02 3.82
N CYS K 27 -45.31 -39.78 5.05
CA CYS K 27 -45.64 -40.69 6.15
C CYS K 27 -47.08 -41.25 6.10
N THR K 28 -48.05 -40.38 5.81
CA THR K 28 -49.49 -40.69 5.76
C THR K 28 -50.09 -41.80 4.87
N THR K 29 -49.47 -42.13 3.74
CA THR K 29 -50.03 -43.12 2.81
C THR K 29 -49.72 -44.59 3.04
N THR K 30 -50.59 -45.45 2.53
CA THR K 30 -50.44 -46.91 2.61
C THR K 30 -49.31 -47.29 1.69
N LYS K 31 -49.26 -46.61 0.55
CA LYS K 31 -48.25 -46.85 -0.45
C LYS K 31 -46.90 -46.35 0.04
N SER K 32 -46.93 -45.35 0.92
CA SER K 32 -45.72 -44.75 1.46
C SER K 32 -44.95 -45.64 2.45
N GLN K 33 -45.68 -46.48 3.17
CA GLN K 33 -45.09 -47.38 4.15
C GLN K 33 -44.11 -48.34 3.47
N VAL K 34 -42.87 -47.92 3.27
CA VAL K 34 -41.91 -48.80 2.61
C VAL K 34 -40.82 -49.30 3.52
N PHE K 35 -40.28 -50.48 3.20
CA PHE K 35 -39.20 -51.04 3.99
C PHE K 35 -37.93 -50.29 3.57
N VAL K 36 -37.76 -50.17 2.26
CA VAL K 36 -36.59 -49.50 1.72
C VAL K 36 -36.97 -48.16 1.08
N PRO K 37 -36.11 -47.15 1.22
CA PRO K 37 -36.32 -45.81 0.67
C PRO K 37 -36.00 -45.73 -0.81
N HIS K 38 -35.82 -46.89 -1.44
CA HIS K 38 -35.50 -46.95 -2.86
C HIS K 38 -36.72 -47.38 -3.66
N THR K 39 -37.19 -46.53 -4.56
CA THR K 39 -38.34 -46.87 -5.34
C THR K 39 -38.12 -46.68 -6.82
N ALA K 40 -37.02 -46.01 -7.16
CA ALA K 40 -36.70 -45.75 -8.56
C ALA K 40 -38.01 -45.29 -9.16
N GLY K 41 -38.82 -44.67 -8.31
CA GLY K 41 -40.12 -44.18 -8.72
C GLY K 41 -40.01 -43.29 -9.94
N ARG K 42 -41.15 -42.76 -10.35
CA ARG K 42 -41.18 -41.89 -11.51
C ARG K 42 -41.70 -40.51 -11.15
N TYR K 43 -41.38 -40.06 -9.95
CA TYR K 43 -41.82 -38.75 -9.49
C TYR K 43 -41.15 -37.74 -10.40
N GLN K 44 -41.39 -36.45 -10.16
CA GLN K 44 -40.76 -35.44 -10.98
C GLN K 44 -41.19 -35.53 -12.45
N VAL K 45 -42.34 -36.12 -12.71
CA VAL K 45 -42.84 -36.25 -14.08
C VAL K 45 -43.97 -35.26 -14.38
N LYS K 46 -45.07 -35.35 -13.64
CA LYS K 46 -46.17 -34.40 -13.81
C LYS K 46 -45.64 -33.16 -13.09
N LYS K 47 -46.48 -32.16 -12.83
CA LYS K 47 -46.00 -30.97 -12.14
C LYS K 47 -46.47 -30.90 -10.71
N PHE K 48 -46.17 -31.95 -9.94
CA PHE K 48 -46.53 -32.06 -8.53
C PHE K 48 -46.37 -33.50 -8.05
N ARG K 49 -45.79 -34.35 -8.91
CA ARG K 49 -45.58 -35.76 -8.56
C ARG K 49 -44.73 -35.84 -7.32
N LYS K 50 -43.66 -35.06 -7.30
CA LYS K 50 -42.75 -35.01 -6.16
C LYS K 50 -43.42 -35.30 -4.82
N THR K 51 -44.67 -34.85 -4.68
CA THR K 51 -45.47 -35.04 -3.47
C THR K 51 -45.43 -36.48 -2.98
N GLN K 52 -46.01 -37.37 -3.79
CA GLN K 52 -46.12 -38.80 -3.52
C GLN K 52 -44.81 -39.52 -3.20
N CYS K 53 -43.74 -38.77 -2.95
CA CYS K 53 -42.47 -39.41 -2.64
C CYS K 53 -42.25 -39.62 -1.16
N PRO K 54 -42.02 -40.87 -0.75
CA PRO K 54 -41.79 -41.24 0.64
C PRO K 54 -40.69 -40.34 1.23
N ILE K 55 -41.13 -39.32 1.96
CA ILE K 55 -40.26 -38.32 2.57
C ILE K 55 -38.78 -38.68 2.65
N VAL K 56 -38.43 -39.88 3.09
CA VAL K 56 -37.02 -40.21 3.18
C VAL K 56 -36.34 -40.43 1.84
N GLU K 57 -37.09 -40.91 0.84
CA GLU K 57 -36.53 -41.12 -0.49
C GLU K 57 -35.99 -39.75 -0.90
N ARG K 58 -36.76 -38.72 -0.58
CA ARG K 58 -36.45 -37.33 -0.88
C ARG K 58 -35.16 -36.90 -0.19
N LEU K 59 -35.03 -37.34 1.06
CA LEU K 59 -33.88 -37.01 1.87
C LEU K 59 -32.66 -37.64 1.25
N ILE K 60 -32.79 -38.90 0.88
CA ILE K 60 -31.67 -39.60 0.27
C ILE K 60 -31.29 -38.87 -1.01
N GLY K 61 -32.28 -38.55 -1.82
CA GLY K 61 -31.98 -37.86 -3.06
C GLY K 61 -31.17 -36.59 -2.82
N THR K 62 -31.76 -35.67 -2.04
CA THR K 62 -31.12 -34.39 -1.75
C THR K 62 -29.74 -34.56 -1.13
N LEU K 63 -29.51 -35.75 -0.59
CA LEU K 63 -28.27 -36.12 0.07
C LEU K 63 -27.07 -36.51 -0.81
N MET K 64 -27.35 -37.20 -1.92
CA MET K 64 -26.28 -37.63 -2.82
C MET K 64 -26.03 -36.52 -3.81
N PHE K 65 -26.09 -35.29 -3.33
CA PHE K 65 -25.95 -34.22 -4.28
C PHE K 65 -24.65 -33.54 -4.58
N HIS K 66 -23.53 -33.90 -3.96
CA HIS K 66 -22.34 -33.18 -4.36
C HIS K 66 -21.60 -33.92 -5.47
N GLY K 67 -21.41 -33.17 -6.56
CA GLY K 67 -20.76 -33.67 -7.76
C GLY K 67 -20.10 -35.04 -7.76
N ARG K 68 -18.80 -34.98 -8.04
CA ARG K 68 -17.95 -36.16 -8.13
C ARG K 68 -18.32 -37.19 -7.04
N ASN K 69 -18.16 -36.83 -5.76
CA ASN K 69 -18.48 -37.75 -4.66
C ASN K 69 -19.83 -38.48 -4.84
N ALA K 70 -20.86 -37.74 -5.27
CA ALA K 70 -22.21 -38.30 -5.38
C ALA K 70 -22.75 -38.74 -6.74
N GLY K 71 -24.03 -39.13 -6.70
CA GLY K 71 -24.74 -39.61 -7.87
C GLY K 71 -25.07 -41.09 -7.72
N LYS K 72 -24.86 -41.64 -6.52
CA LYS K 72 -25.12 -43.07 -6.24
C LYS K 72 -25.97 -43.33 -5.01
N LYS K 73 -27.28 -43.41 -5.22
CA LYS K 73 -28.27 -43.65 -4.16
C LYS K 73 -27.94 -44.85 -3.30
N ALA K 74 -27.41 -45.89 -3.94
CA ALA K 74 -27.04 -47.11 -3.23
C ALA K 74 -26.54 -46.77 -1.82
N LEU K 75 -25.40 -46.10 -1.78
CA LEU K 75 -24.76 -45.67 -0.56
C LEU K 75 -25.63 -44.78 0.29
N CYS K 76 -26.09 -43.69 -0.30
CA CYS K 76 -26.90 -42.72 0.41
C CYS K 76 -28.02 -43.31 1.22
N ILE K 77 -28.60 -44.41 0.76
CA ILE K 77 -29.66 -45.05 1.52
C ILE K 77 -29.08 -45.45 2.88
N LYS K 78 -27.78 -45.80 2.88
CA LYS K 78 -27.04 -46.19 4.09
C LYS K 78 -26.85 -45.04 5.05
N VAL K 79 -26.13 -44.03 4.57
CA VAL K 79 -25.85 -42.85 5.37
C VAL K 79 -27.13 -42.40 6.08
N VAL K 80 -28.28 -42.60 5.45
CA VAL K 80 -29.55 -42.23 6.05
C VAL K 80 -30.03 -43.28 7.05
N LYS K 81 -29.74 -44.55 6.83
CA LYS K 81 -30.17 -45.59 7.77
C LYS K 81 -29.41 -45.52 9.06
N ASN K 82 -28.10 -45.44 8.96
CA ASN K 82 -27.24 -45.35 10.14
C ASN K 82 -27.63 -44.12 10.94
N ALA K 83 -27.83 -43.01 10.23
CA ALA K 83 -28.22 -41.76 10.85
C ALA K 83 -29.50 -41.93 11.66
N PHE K 84 -30.42 -42.78 11.18
CA PHE K 84 -31.68 -43.04 11.90
C PHE K 84 -31.47 -43.87 13.17
N GLU K 85 -30.53 -44.81 13.09
CA GLU K 85 -30.19 -45.67 14.22
C GLU K 85 -29.63 -44.75 15.30
N ILE K 86 -28.68 -43.92 14.88
CA ILE K 86 -28.00 -42.95 15.72
C ILE K 86 -28.93 -41.90 16.36
N ILE K 87 -29.95 -41.47 15.64
CA ILE K 87 -30.89 -40.50 16.17
C ILE K 87 -31.73 -41.20 17.24
N HIS K 88 -31.99 -42.49 17.01
CA HIS K 88 -32.77 -43.28 17.95
C HIS K 88 -32.00 -43.51 19.26
N LEU K 89 -30.74 -43.92 19.14
CA LEU K 89 -29.93 -44.16 20.31
C LEU K 89 -29.78 -42.95 21.20
N VAL K 90 -30.24 -41.78 20.75
CA VAL K 90 -30.15 -40.58 21.57
C VAL K 90 -31.46 -40.10 22.18
N THR K 91 -32.55 -40.18 21.41
CA THR K 91 -33.86 -39.78 21.91
C THR K 91 -34.81 -40.97 21.80
N GLY K 92 -34.23 -42.11 21.48
CA GLY K 92 -34.98 -43.34 21.35
C GLY K 92 -36.38 -43.20 20.78
N ARG K 93 -36.62 -42.12 20.06
CA ARG K 93 -37.93 -41.90 19.46
C ARG K 93 -37.98 -42.44 18.05
N ASN K 94 -39.18 -42.62 17.52
CA ASN K 94 -39.34 -43.11 16.17
C ASN K 94 -38.71 -42.01 15.33
N PRO K 95 -37.42 -42.18 14.95
CA PRO K 95 -36.67 -41.21 14.16
C PRO K 95 -37.38 -40.58 12.96
N LEU K 96 -38.57 -41.06 12.61
CA LEU K 96 -39.31 -40.47 11.49
C LEU K 96 -40.09 -39.35 12.12
N GLU K 97 -40.51 -39.59 13.36
CA GLU K 97 -41.28 -38.65 14.15
C GLU K 97 -40.31 -37.57 14.66
N VAL K 98 -39.10 -37.60 14.12
CA VAL K 98 -38.06 -36.64 14.48
C VAL K 98 -37.76 -35.90 13.19
N PHE K 99 -37.31 -36.67 12.21
CA PHE K 99 -36.97 -36.14 10.90
C PHE K 99 -38.17 -35.35 10.41
N VAL K 100 -39.36 -35.91 10.61
CA VAL K 100 -40.60 -35.27 10.21
C VAL K 100 -40.75 -33.89 10.85
N GLY K 101 -40.63 -33.84 12.17
CA GLY K 101 -40.74 -32.57 12.84
C GLY K 101 -39.75 -31.60 12.22
N ALA K 102 -38.49 -32.02 12.15
CA ALA K 102 -37.42 -31.20 11.60
C ALA K 102 -37.81 -30.60 10.25
N VAL K 103 -38.42 -31.44 9.41
CA VAL K 103 -38.87 -30.99 8.09
C VAL K 103 -39.86 -29.84 8.27
N GLN K 104 -40.80 -29.99 9.21
CA GLN K 104 -41.80 -28.95 9.44
C GLN K 104 -41.22 -27.65 9.99
N ASN K 105 -40.17 -27.75 10.79
CA ASN K 105 -39.53 -26.56 11.39
C ASN K 105 -38.55 -25.82 10.47
N ALA K 106 -37.60 -26.54 9.89
CA ALA K 106 -36.58 -25.95 9.03
C ALA K 106 -37.06 -25.25 7.75
N GLY K 107 -38.37 -25.22 7.51
CA GLY K 107 -38.87 -24.57 6.30
C GLY K 107 -39.31 -23.13 6.51
N PRO K 108 -38.56 -22.14 5.96
CA PRO K 108 -38.89 -20.71 6.09
C PRO K 108 -40.32 -20.44 5.67
N ARG K 109 -41.00 -19.58 6.40
CA ARG K 109 -42.39 -19.24 6.10
C ARG K 109 -42.46 -17.96 5.30
N GLU K 110 -41.32 -17.29 5.18
CA GLU K 110 -41.29 -16.02 4.47
C GLU K 110 -39.96 -15.79 3.75
N ASP K 111 -40.03 -15.20 2.56
CA ASP K 111 -38.85 -14.90 1.75
C ASP K 111 -39.06 -13.56 1.05
N SER K 112 -37.99 -13.00 0.51
CA SER K 112 -38.07 -11.73 -0.21
C SER K 112 -37.80 -11.91 -1.71
N THR K 113 -38.64 -11.34 -2.56
CA THR K 113 -38.42 -11.48 -4.00
C THR K 113 -37.61 -10.32 -4.49
N ARG K 114 -36.49 -10.62 -5.12
CA ARG K 114 -35.65 -9.57 -5.62
C ARG K 114 -36.30 -8.98 -6.87
N ILE K 115 -36.74 -7.73 -6.76
CA ILE K 115 -37.37 -6.99 -7.85
C ILE K 115 -36.63 -5.64 -7.97
N GLY K 116 -35.63 -5.60 -8.86
CA GLY K 116 -34.83 -4.41 -9.07
C GLY K 116 -35.27 -3.54 -10.23
N THR K 117 -35.26 -2.23 -10.03
CA THR K 117 -35.66 -1.29 -11.07
C THR K 117 -34.59 -0.25 -11.40
N ALA K 118 -33.91 -0.47 -12.52
CA ALA K 118 -32.85 0.43 -13.00
C ALA K 118 -31.63 0.55 -12.07
N GLY K 119 -31.09 -0.59 -11.64
CA GLY K 119 -29.93 -0.56 -10.76
C GLY K 119 -30.23 -0.79 -9.29
N VAL K 120 -31.29 -0.15 -8.79
CA VAL K 120 -31.68 -0.28 -7.38
C VAL K 120 -32.26 -1.68 -7.15
N VAL K 121 -31.79 -2.34 -6.09
CA VAL K 121 -32.25 -3.69 -5.75
C VAL K 121 -33.26 -3.69 -4.61
N ARG K 122 -34.54 -3.64 -4.96
CA ARG K 122 -35.63 -3.62 -3.98
C ARG K 122 -36.13 -5.03 -3.71
N LYS K 123 -36.90 -5.20 -2.64
CA LYS K 123 -37.47 -6.50 -2.30
C LYS K 123 -38.87 -6.35 -1.70
N GLN K 124 -39.63 -7.43 -1.69
CA GLN K 124 -40.98 -7.38 -1.17
C GLN K 124 -41.25 -8.53 -0.22
N ALA K 125 -42.41 -8.47 0.43
CA ALA K 125 -42.81 -9.52 1.36
C ALA K 125 -43.49 -10.66 0.61
N VAL K 126 -42.96 -11.87 0.78
CA VAL K 126 -43.51 -13.01 0.10
C VAL K 126 -43.70 -14.15 1.08
N ASP K 127 -44.86 -14.81 0.98
CA ASP K 127 -45.15 -15.92 1.86
C ASP K 127 -44.76 -17.19 1.14
N VAL K 128 -43.93 -18.00 1.79
CA VAL K 128 -43.43 -19.23 1.19
C VAL K 128 -44.42 -20.40 1.20
N ALA K 129 -44.62 -20.98 0.02
CA ALA K 129 -45.53 -22.09 -0.19
C ALA K 129 -45.19 -23.35 0.61
N PRO K 130 -46.09 -24.33 0.61
CA PRO K 130 -45.84 -25.57 1.35
C PRO K 130 -44.80 -26.47 0.66
N MET K 131 -45.08 -26.86 -0.58
CA MET K 131 -44.16 -27.72 -1.32
C MET K 131 -42.78 -27.09 -1.26
N ARG K 132 -42.73 -25.79 -1.48
CA ARG K 132 -41.48 -25.05 -1.47
C ARG K 132 -40.87 -25.08 -0.09
N ARG K 133 -41.73 -25.05 0.91
CA ARG K 133 -41.32 -25.02 2.29
C ARG K 133 -40.59 -26.30 2.69
N VAL K 134 -41.17 -27.44 2.32
CA VAL K 134 -40.57 -28.73 2.64
C VAL K 134 -39.25 -28.87 1.89
N ASN K 135 -39.31 -28.57 0.60
CA ASN K 135 -38.14 -28.65 -0.25
C ASN K 135 -36.98 -27.89 0.38
N LEU K 136 -37.27 -26.66 0.79
CA LEU K 136 -36.26 -25.81 1.41
C LEU K 136 -35.77 -26.46 2.68
N ALA K 137 -36.70 -26.98 3.46
CA ALA K 137 -36.35 -27.60 4.72
C ALA K 137 -35.30 -28.70 4.56
N ILE K 138 -35.55 -29.66 3.68
CA ILE K 138 -34.63 -30.77 3.48
C ILE K 138 -33.33 -30.30 2.87
N TYR K 139 -33.48 -29.56 1.77
CA TYR K 139 -32.33 -29.02 1.06
C TYR K 139 -31.44 -28.42 2.15
N PHE K 140 -32.03 -27.57 2.98
CA PHE K 140 -31.29 -26.89 4.04
C PHE K 140 -30.59 -27.83 5.01
N ILE K 141 -31.36 -28.75 5.55
CA ILE K 141 -30.85 -29.71 6.52
C ILE K 141 -29.58 -30.35 6.01
N ILE K 142 -29.72 -31.02 4.89
CA ILE K 142 -28.61 -31.69 4.30
C ILE K 142 -27.49 -30.70 3.98
N LYS K 143 -27.86 -29.59 3.38
CA LYS K 143 -26.89 -28.58 3.01
C LYS K 143 -25.87 -28.45 4.11
N GLY K 144 -26.36 -28.23 5.32
CA GLY K 144 -25.46 -28.07 6.44
C GLY K 144 -24.56 -29.25 6.74
N CYS K 145 -25.11 -30.46 6.78
CA CYS K 145 -24.33 -31.63 7.12
C CYS K 145 -22.95 -31.60 6.50
N ARG K 146 -22.92 -31.43 5.17
CA ARG K 146 -21.65 -31.39 4.47
C ARG K 146 -20.77 -30.29 5.03
N GLU K 147 -21.37 -29.18 5.43
CA GLU K 147 -20.61 -28.06 5.96
C GLU K 147 -19.50 -28.51 6.90
N SER K 148 -19.90 -29.14 8.01
CA SER K 148 -18.93 -29.60 8.98
C SER K 148 -18.28 -30.90 8.49
N ALA K 149 -19.15 -31.80 8.04
CA ALA K 149 -18.77 -33.11 7.56
C ALA K 149 -17.48 -33.21 6.76
N PHE K 150 -17.07 -32.11 6.14
CA PHE K 150 -15.87 -32.13 5.31
C PHE K 150 -14.65 -32.78 5.97
N LYS K 151 -13.59 -32.01 6.12
CA LYS K 151 -12.37 -32.52 6.70
C LYS K 151 -12.56 -32.95 8.15
N SER K 152 -13.65 -33.66 8.41
CA SER K 152 -13.95 -34.13 9.75
C SER K 152 -14.16 -35.65 9.81
N MET K 153 -13.73 -36.22 10.93
CA MET K 153 -13.87 -37.64 11.18
C MET K 153 -15.31 -37.88 11.54
N ARG K 154 -16.05 -36.78 11.71
CA ARG K 154 -17.47 -36.87 12.02
C ARG K 154 -18.01 -37.35 10.66
N SER K 155 -18.95 -38.31 10.66
CA SER K 155 -19.51 -38.84 9.43
C SER K 155 -20.87 -38.28 9.11
N ILE K 156 -21.25 -38.30 7.83
CA ILE K 156 -22.54 -37.78 7.43
C ILE K 156 -23.67 -38.39 8.24
N ALA K 157 -23.63 -39.71 8.42
CA ALA K 157 -24.67 -40.41 9.18
C ALA K 157 -24.71 -39.88 10.61
N GLU K 158 -23.63 -39.20 10.97
CA GLU K 158 -23.49 -38.61 12.29
C GLU K 158 -23.86 -37.14 12.19
N THR K 159 -23.22 -36.43 11.26
CA THR K 159 -23.51 -35.01 11.06
C THR K 159 -25.02 -34.86 10.87
N LEU K 160 -25.54 -35.62 9.91
CA LEU K 160 -26.96 -35.60 9.58
C LEU K 160 -27.79 -35.94 10.81
N ALA K 161 -27.41 -37.00 11.49
CA ALA K 161 -28.15 -37.40 12.67
C ALA K 161 -28.21 -36.19 13.61
N ASP K 162 -27.05 -35.69 14.00
CA ASP K 162 -26.95 -34.55 14.91
C ASP K 162 -27.77 -33.35 14.42
N GLU K 163 -27.94 -33.25 13.12
CA GLU K 163 -28.71 -32.17 12.54
C GLU K 163 -30.20 -32.36 12.70
N ILE K 164 -30.72 -33.46 12.17
CA ILE K 164 -32.15 -33.75 12.24
C ILE K 164 -32.76 -33.54 13.64
N ILE K 165 -31.92 -33.74 14.65
CA ILE K 165 -32.31 -33.60 16.05
C ILE K 165 -32.59 -32.15 16.48
N ASN K 166 -31.56 -31.32 16.31
CA ASN K 166 -31.62 -29.90 16.65
C ASN K 166 -32.57 -29.17 15.73
N ALA K 167 -32.68 -29.67 14.50
CA ALA K 167 -33.57 -29.08 13.50
C ALA K 167 -35.00 -29.22 13.98
N GLU K 168 -35.26 -30.26 14.78
CA GLU K 168 -36.60 -30.46 15.30
C GLU K 168 -36.80 -29.56 16.51
N LYS K 169 -35.72 -29.36 17.26
CA LYS K 169 -35.73 -28.53 18.47
C LYS K 169 -35.88 -27.02 18.23
N ASN K 170 -35.40 -26.54 17.09
CA ASN K 170 -35.46 -25.12 16.73
C ASN K 170 -34.26 -24.42 17.37
N ASN K 171 -33.34 -25.23 17.84
CA ASN K 171 -32.12 -24.79 18.48
C ASN K 171 -31.32 -23.92 17.52
N THR K 172 -31.57 -22.62 17.53
CA THR K 172 -30.90 -21.69 16.63
C THR K 172 -29.37 -21.61 16.70
N GLN K 173 -28.77 -22.40 17.59
CA GLN K 173 -27.32 -22.39 17.71
C GLN K 173 -26.70 -23.72 17.29
N SER K 174 -27.56 -24.68 16.97
CA SER K 174 -27.11 -26.00 16.55
C SER K 174 -27.89 -26.54 15.36
N SER K 175 -27.84 -25.84 14.24
CA SER K 175 -28.51 -26.26 13.01
C SER K 175 -28.33 -25.24 11.91
N TRP K 176 -27.25 -25.39 11.16
CA TRP K 176 -26.97 -24.49 10.06
C TRP K 176 -28.28 -24.31 9.30
N ALA K 177 -29.14 -25.33 9.40
CA ALA K 177 -30.43 -25.32 8.75
C ALA K 177 -31.31 -24.20 9.29
N ILE K 178 -31.70 -24.32 10.54
CA ILE K 178 -32.57 -23.33 11.13
C ILE K 178 -31.97 -21.93 11.22
N ARG K 179 -30.65 -21.82 11.12
CA ARG K 179 -30.05 -20.48 11.15
C ARG K 179 -30.65 -19.66 10.01
N LYS K 180 -30.56 -20.18 8.79
CA LYS K 180 -31.11 -19.49 7.63
C LYS K 180 -32.60 -19.39 7.81
N LYS K 181 -33.23 -20.49 8.22
CA LYS K 181 -34.67 -20.53 8.43
C LYS K 181 -35.11 -19.26 9.17
N ASP K 182 -34.33 -18.87 10.18
CA ASP K 182 -34.62 -17.65 10.94
C ASP K 182 -34.19 -16.40 10.17
N GLU K 183 -32.93 -16.35 9.76
CA GLU K 183 -32.38 -15.21 9.03
C GLU K 183 -33.16 -14.83 7.78
N ILE K 184 -33.51 -15.83 6.97
CA ILE K 184 -34.28 -15.60 5.76
C ILE K 184 -35.57 -14.89 6.10
N GLU K 185 -36.21 -15.30 7.19
CA GLU K 185 -37.44 -14.67 7.62
C GLU K 185 -37.12 -13.27 8.14
N LYS K 186 -36.08 -13.17 8.96
CA LYS K 186 -35.65 -11.89 9.53
C LYS K 186 -35.33 -10.86 8.46
N VAL K 187 -34.37 -11.18 7.61
CA VAL K 187 -33.98 -10.28 6.54
C VAL K 187 -35.23 -10.00 5.74
N ALA K 188 -35.98 -11.05 5.44
CA ALA K 188 -37.21 -10.92 4.68
C ALA K 188 -38.19 -10.01 5.42
N LYS K 189 -38.21 -10.12 6.75
CA LYS K 189 -39.12 -9.29 7.53
C LYS K 189 -38.65 -7.84 7.52
N GLY K 190 -37.42 -7.64 7.07
CA GLY K 190 -36.89 -6.29 6.97
C GLY K 190 -37.25 -5.68 5.62
N ASN K 191 -36.99 -6.43 4.55
CA ASN K 191 -37.29 -5.99 3.17
C ASN K 191 -38.78 -5.75 2.96
N ARG K 192 -39.60 -6.53 3.67
CA ARG K 192 -41.05 -6.42 3.56
C ARG K 192 -41.54 -5.02 3.88
N GLU L 1 -51.45 3.01 42.82
CA GLU L 1 -51.64 2.74 41.37
C GLU L 1 -51.32 3.96 40.50
N VAL L 2 -51.78 3.91 39.26
CA VAL L 2 -51.57 4.97 38.28
C VAL L 2 -52.32 6.26 38.61
N ILE L 3 -51.74 7.40 38.23
CA ILE L 3 -52.35 8.71 38.47
C ILE L 3 -52.71 9.37 37.12
N SER L 4 -53.71 8.83 36.44
CA SER L 4 -54.15 9.36 35.14
C SER L 4 -54.45 10.85 35.24
N TYR L 5 -54.63 11.51 34.11
CA TYR L 5 -54.94 12.93 34.12
C TYR L 5 -56.16 13.32 33.30
N GLY L 6 -56.78 12.36 32.61
CA GLY L 6 -57.95 12.69 31.84
C GLY L 6 -58.93 13.26 32.83
N PRO L 7 -59.83 14.16 32.42
CA PRO L 7 -60.78 14.70 33.41
C PRO L 7 -61.37 13.62 34.32
N PRO L 8 -61.78 14.00 35.53
CA PRO L 8 -62.37 13.05 36.48
C PRO L 8 -63.73 12.50 36.07
N ASN L 9 -63.76 11.68 35.02
CA ASN L 9 -65.02 11.12 34.53
C ASN L 9 -64.82 9.86 33.68
N VAL L 10 -65.17 8.70 34.23
CA VAL L 10 -65.02 7.43 33.49
C VAL L 10 -66.41 7.00 32.97
N GLY L 11 -66.54 5.72 32.62
CA GLY L 11 -67.80 5.23 32.11
C GLY L 11 -67.64 4.54 30.77
N ALA L 12 -67.79 3.22 30.75
CA ALA L 12 -67.65 2.44 29.52
C ALA L 12 -68.76 2.79 28.53
N ASN L 13 -69.43 3.91 28.76
CA ASN L 13 -70.50 4.42 27.89
C ASN L 13 -70.42 5.93 27.81
N GLU L 14 -69.27 6.46 28.20
CA GLU L 14 -69.01 7.88 28.18
C GLU L 14 -67.78 8.06 27.28
N ASN L 15 -68.00 8.55 26.07
CA ASN L 15 -66.91 8.74 25.10
C ASN L 15 -66.05 9.97 25.34
N VAL L 16 -64.74 9.79 25.17
CA VAL L 16 -63.79 10.88 25.33
C VAL L 16 -63.37 11.28 23.93
N PHE L 17 -63.19 12.57 23.68
CA PHE L 17 -62.79 12.97 22.34
C PHE L 17 -61.46 13.68 22.22
N GLY L 18 -60.67 13.22 21.27
CA GLY L 18 -59.37 13.82 21.03
C GLY L 18 -59.22 14.06 19.54
N VAL L 19 -58.89 15.29 19.14
CA VAL L 19 -58.73 15.62 17.73
C VAL L 19 -57.34 15.31 17.16
N CYS L 20 -57.27 14.26 16.36
CA CYS L 20 -56.01 13.81 15.75
C CYS L 20 -55.74 14.39 14.37
N HIS L 21 -54.72 15.24 14.30
CA HIS L 21 -54.30 15.87 13.06
C HIS L 21 -53.28 14.94 12.42
N ILE L 22 -53.39 14.71 11.10
CA ILE L 22 -52.43 13.85 10.40
C ILE L 22 -52.01 14.43 9.05
N MET L 23 -50.76 14.85 8.97
CA MET L 23 -50.21 15.43 7.75
C MET L 23 -49.33 14.37 7.10
N ALA L 24 -49.65 13.95 5.87
CA ALA L 24 -48.85 12.91 5.20
C ALA L 24 -48.10 13.36 3.93
N THR L 25 -46.84 13.76 4.10
CA THR L 25 -46.00 14.20 2.99
C THR L 25 -45.37 12.98 2.36
N TRP L 26 -44.63 13.19 1.28
CA TRP L 26 -43.96 12.10 0.58
C TRP L 26 -42.53 11.99 1.11
N ASN L 27 -42.29 12.65 2.24
CA ASN L 27 -40.99 12.63 2.86
C ASN L 27 -41.17 12.22 4.31
N ASP L 28 -42.02 12.97 5.00
CA ASP L 28 -42.28 12.74 6.42
C ASP L 28 -43.77 12.62 6.72
N THR L 29 -44.12 12.01 7.85
CA THR L 29 -45.51 11.87 8.28
C THR L 29 -45.64 12.37 9.72
N PHE L 30 -46.78 12.98 10.03
CA PHE L 30 -47.04 13.51 11.37
C PHE L 30 -48.32 12.93 11.91
N ILE L 31 -48.37 12.79 13.23
CA ILE L 31 -49.59 12.34 13.90
C ILE L 31 -49.67 13.15 15.18
N HIS L 32 -50.73 13.93 15.27
CA HIS L 32 -50.92 14.81 16.41
C HIS L 32 -52.27 14.58 17.04
N VAL L 33 -52.35 14.80 18.35
CA VAL L 33 -53.60 14.65 19.09
C VAL L 33 -53.76 15.87 19.98
N THR L 34 -54.96 16.42 20.02
CA THR L 34 -55.17 17.60 20.82
C THR L 34 -56.62 17.84 21.20
N ASP L 35 -56.83 18.69 22.21
CA ASP L 35 -58.17 19.05 22.65
C ASP L 35 -58.99 19.37 21.43
N LEU L 36 -60.30 19.27 21.55
CA LEU L 36 -61.18 19.52 20.42
C LEU L 36 -61.21 21.02 20.09
N SER L 37 -60.27 21.75 20.70
CA SER L 37 -60.14 23.19 20.49
C SER L 37 -58.80 23.38 19.84
N GLY L 38 -58.00 22.32 19.90
CA GLY L 38 -56.68 22.33 19.31
C GLY L 38 -55.74 23.43 19.76
N ARG L 39 -55.68 23.74 21.05
CA ARG L 39 -54.77 24.78 21.50
C ARG L 39 -53.82 24.27 22.58
N GLU L 40 -53.98 22.99 22.94
CA GLU L 40 -53.14 22.32 23.94
C GLU L 40 -52.70 20.95 23.42
N THR L 41 -51.44 20.86 23.03
CA THR L 41 -50.87 19.64 22.49
C THR L 41 -50.69 18.53 23.51
N LEU L 42 -51.03 17.30 23.11
CA LEU L 42 -50.88 16.14 23.97
C LEU L 42 -49.81 15.22 23.40
N VAL L 43 -50.24 14.41 22.44
CA VAL L 43 -49.38 13.43 21.79
C VAL L 43 -48.88 13.92 20.41
N ARG L 44 -47.61 13.66 20.13
CA ARG L 44 -46.98 14.06 18.87
C ARG L 44 -45.94 13.04 18.38
N VAL L 45 -46.33 12.15 17.47
CA VAL L 45 -45.40 11.15 16.96
C VAL L 45 -45.21 11.21 15.44
N THR L 46 -43.96 11.43 15.02
CA THR L 46 -43.63 11.52 13.59
C THR L 46 -42.71 10.37 13.15
N GLY L 47 -42.86 9.96 11.90
CA GLY L 47 -42.05 8.88 11.38
C GLY L 47 -40.57 9.01 11.70
N GLY L 48 -40.06 10.23 11.77
CA GLY L 48 -38.67 10.45 12.06
C GLY L 48 -38.24 9.88 13.40
N MET L 49 -39.12 10.00 14.39
CA MET L 49 -38.88 9.49 15.73
C MET L 49 -38.94 7.97 15.68
N LYS L 50 -39.38 7.43 14.54
CA LYS L 50 -39.52 5.99 14.41
C LYS L 50 -38.50 5.20 13.61
N VAL L 51 -37.66 5.85 12.79
CA VAL L 51 -36.65 5.10 12.04
C VAL L 51 -35.33 5.85 11.86
N LYS L 52 -34.33 5.16 11.30
CA LYS L 52 -33.00 5.70 11.10
C LYS L 52 -32.74 6.36 9.74
N ALA L 53 -33.12 5.71 8.66
CA ALA L 53 -32.90 6.25 7.31
C ALA L 53 -33.86 7.37 6.92
N ASP L 54 -33.31 8.52 6.54
CA ASP L 54 -34.11 9.69 6.14
C ASP L 54 -35.16 9.38 5.07
N ARG L 55 -34.94 8.33 4.29
CA ARG L 55 -35.88 7.97 3.25
C ARG L 55 -37.10 7.31 3.84
N GLU L 56 -36.88 6.63 4.94
CA GLU L 56 -37.97 5.92 5.60
C GLU L 56 -38.74 6.88 6.50
N GLU L 57 -38.33 8.14 6.54
CA GLU L 57 -39.04 9.08 7.41
C GLU L 57 -40.53 9.22 7.04
N SER L 58 -40.92 8.50 5.98
CA SER L 58 -42.31 8.48 5.51
C SER L 58 -42.89 7.13 5.92
N SER L 59 -42.54 6.11 5.14
CA SER L 59 -42.91 4.71 5.35
C SER L 59 -44.28 4.33 5.92
N PRO L 60 -44.73 3.10 5.64
CA PRO L 60 -46.00 2.58 6.12
C PRO L 60 -45.66 2.09 7.52
N TYR L 61 -44.46 1.55 7.65
CA TYR L 61 -43.97 1.05 8.93
C TYR L 61 -43.89 2.17 9.97
N ALA L 62 -43.25 3.28 9.61
CA ALA L 62 -43.11 4.43 10.51
C ALA L 62 -44.47 4.93 10.97
N ALA L 63 -45.49 4.73 10.13
CA ALA L 63 -46.84 5.16 10.42
C ALA L 63 -47.50 4.24 11.44
N MET L 64 -47.16 2.95 11.37
CA MET L 64 -47.70 1.96 12.29
C MET L 64 -47.20 2.27 13.69
N GLN L 65 -45.87 2.34 13.82
CA GLN L 65 -45.22 2.59 15.11
C GLN L 65 -45.59 3.92 15.73
N ALA L 66 -45.59 4.97 14.92
CA ALA L 66 -45.94 6.31 15.41
C ALA L 66 -47.41 6.33 15.79
N ALA L 67 -48.18 5.47 15.13
CA ALA L 67 -49.62 5.36 15.38
C ALA L 67 -49.91 4.59 16.65
N ILE L 68 -49.38 3.38 16.74
CA ILE L 68 -49.59 2.55 17.90
C ILE L 68 -48.94 3.21 19.12
N ASP L 69 -47.86 3.94 18.90
CA ASP L 69 -47.19 4.62 20.01
C ASP L 69 -48.13 5.64 20.66
N VAL L 70 -48.95 6.30 19.85
CA VAL L 70 -49.90 7.30 20.34
C VAL L 70 -51.09 6.69 21.08
N VAL L 71 -51.65 5.62 20.54
CA VAL L 71 -52.78 4.96 21.16
C VAL L 71 -52.47 4.57 22.61
N ASN L 72 -51.29 3.99 22.84
CA ASN L 72 -50.89 3.62 24.19
C ASN L 72 -50.91 4.87 25.07
N ARG L 73 -50.22 5.91 24.62
CA ARG L 73 -50.17 7.18 25.34
C ARG L 73 -51.58 7.71 25.58
N CYS L 74 -52.49 7.44 24.66
CA CYS L 74 -53.88 7.90 24.76
C CYS L 74 -54.75 7.20 25.79
N LYS L 75 -54.59 5.89 25.95
CA LYS L 75 -55.38 5.16 26.94
C LYS L 75 -55.05 5.71 28.32
N GLU L 76 -53.85 6.28 28.43
CA GLU L 76 -53.38 6.88 29.67
C GLU L 76 -53.94 8.29 29.89
N LEU L 77 -54.28 8.96 28.80
CA LEU L 77 -54.88 10.29 28.88
C LEU L 77 -56.35 10.04 29.19
N LYS L 78 -56.73 8.77 29.10
CA LYS L 78 -58.10 8.31 29.35
C LYS L 78 -59.01 8.64 28.17
N ILE L 79 -58.42 8.83 26.98
CA ILE L 79 -59.17 9.15 25.76
C ILE L 79 -59.25 7.92 24.85
N ASN L 80 -60.45 7.64 24.36
CA ASN L 80 -60.70 6.49 23.51
C ASN L 80 -61.13 6.84 22.07
N ALA L 81 -61.78 8.00 21.91
CA ALA L 81 -62.25 8.42 20.62
C ALA L 81 -61.44 9.55 20.04
N LEU L 82 -61.18 9.46 18.73
CA LEU L 82 -60.41 10.49 18.06
C LEU L 82 -61.03 11.04 16.77
N HIS L 83 -61.03 12.36 16.69
CA HIS L 83 -61.52 13.07 15.52
C HIS L 83 -60.33 13.15 14.61
N ILE L 84 -60.54 12.99 13.31
CA ILE L 84 -59.41 13.05 12.43
C ILE L 84 -59.48 14.20 11.47
N LYS L 85 -58.39 14.97 11.44
CA LYS L 85 -58.27 16.08 10.51
C LYS L 85 -57.07 15.63 9.68
N LEU L 86 -57.33 15.20 8.45
CA LEU L 86 -56.28 14.73 7.55
C LEU L 86 -55.92 15.81 6.55
N ARG L 87 -54.61 15.98 6.34
CA ARG L 87 -54.09 16.98 5.42
C ARG L 87 -52.91 16.43 4.64
N ALA L 88 -52.23 17.32 3.94
CA ALA L 88 -51.05 16.96 3.15
C ALA L 88 -50.54 18.22 2.48
N LYS L 89 -49.57 18.88 3.10
CA LYS L 89 -49.04 20.14 2.59
C LYS L 89 -49.80 20.69 1.40
N GLY L 90 -51.06 21.04 1.62
CA GLY L 90 -51.88 21.56 0.54
C GLY L 90 -51.24 22.71 -0.20
N GLY L 91 -51.00 23.80 0.53
CA GLY L 91 -50.39 24.99 -0.05
C GLY L 91 -50.40 24.98 -1.56
N VAL L 92 -49.21 24.91 -2.13
CA VAL L 92 -49.08 24.88 -3.56
C VAL L 92 -48.39 23.58 -3.88
N GLU L 93 -48.64 22.55 -3.07
CA GLU L 93 -48.02 21.25 -3.26
C GLU L 93 -49.03 20.14 -3.49
N THR L 94 -48.56 19.02 -4.06
CA THR L 94 -49.42 17.88 -4.36
C THR L 94 -50.45 17.73 -3.28
N LYS L 95 -51.63 18.26 -3.54
CA LYS L 95 -52.74 18.24 -2.61
C LYS L 95 -53.25 16.83 -2.34
N GLN L 96 -52.42 15.84 -2.67
CA GLN L 96 -52.74 14.43 -2.48
C GLN L 96 -52.11 13.91 -1.19
N PRO L 97 -52.86 13.12 -0.40
CA PRO L 97 -52.30 12.61 0.85
C PRO L 97 -51.09 11.75 0.56
N GLY L 98 -50.15 11.75 1.48
CA GLY L 98 -48.94 10.96 1.32
C GLY L 98 -49.25 9.47 1.34
N PRO L 99 -48.30 8.64 1.78
CA PRO L 99 -48.50 7.20 1.84
C PRO L 99 -48.80 6.78 3.27
N GLY L 100 -48.06 7.39 4.19
CA GLY L 100 -48.23 7.09 5.60
C GLY L 100 -49.53 7.66 6.10
N ALA L 101 -50.48 7.83 5.20
CA ALA L 101 -51.78 8.35 5.58
C ALA L 101 -52.71 7.20 5.94
N GLN L 102 -53.18 6.48 4.93
CA GLN L 102 -54.11 5.38 5.15
C GLN L 102 -53.49 4.39 6.10
N SER L 103 -52.17 4.50 6.28
CA SER L 103 -51.44 3.61 7.16
C SER L 103 -51.66 4.03 8.61
N ALA L 104 -51.51 5.33 8.90
CA ALA L 104 -51.69 5.84 10.26
C ALA L 104 -53.07 5.56 10.77
N LEU L 105 -54.10 6.02 10.06
CA LEU L 105 -55.45 5.76 10.50
C LEU L 105 -55.57 4.28 10.82
N ARG L 106 -55.42 3.43 9.81
CA ARG L 106 -55.52 1.99 9.98
C ARG L 106 -54.96 1.47 11.29
N ALA L 107 -53.80 1.98 11.70
CA ALA L 107 -53.13 1.57 12.93
C ALA L 107 -53.90 1.98 14.19
N LEU L 108 -54.50 3.16 14.16
CA LEU L 108 -55.27 3.67 15.28
C LEU L 108 -56.53 2.84 15.48
N ALA L 109 -57.17 2.48 14.38
CA ALA L 109 -58.38 1.69 14.47
C ALA L 109 -58.07 0.29 14.98
N ARG L 110 -57.04 -0.34 14.42
CA ARG L 110 -56.70 -1.69 14.83
C ARG L 110 -56.33 -1.74 16.31
N SER L 111 -55.40 -0.90 16.74
CA SER L 111 -54.95 -0.89 18.14
C SER L 111 -56.03 -0.41 19.11
N GLY L 112 -57.29 -0.63 18.72
CA GLY L 112 -58.42 -0.26 19.57
C GLY L 112 -59.18 0.96 19.14
N MET L 113 -58.64 2.12 19.54
CA MET L 113 -59.20 3.44 19.25
C MET L 113 -60.54 3.55 18.55
N LYS L 114 -61.37 4.45 19.06
CA LYS L 114 -62.67 4.73 18.49
C LYS L 114 -62.42 5.94 17.60
N ILE L 115 -63.12 6.01 16.46
CA ILE L 115 -62.94 7.11 15.51
C ILE L 115 -64.14 8.03 15.31
N GLY L 116 -63.97 9.30 15.68
CA GLY L 116 -65.04 10.27 15.55
C GLY L 116 -65.29 10.61 14.09
N ARG L 117 -65.60 11.87 13.81
CA ARG L 117 -65.84 12.28 12.44
C ARG L 117 -64.48 12.37 11.75
N ILE L 118 -64.50 12.37 10.42
CA ILE L 118 -63.26 12.44 9.64
C ILE L 118 -63.32 13.57 8.61
N GLU L 119 -62.37 14.50 8.66
CA GLU L 119 -62.31 15.62 7.72
C GLU L 119 -61.06 15.54 6.88
N ASP L 120 -61.03 16.34 5.83
CA ASP L 120 -59.87 16.42 4.96
C ASP L 120 -59.57 17.90 5.05
N VAL L 121 -58.41 18.27 5.56
CA VAL L 121 -58.15 19.69 5.67
C VAL L 121 -56.86 20.08 4.98
N THR L 122 -56.71 19.64 3.74
CA THR L 122 -55.54 20.00 2.99
C THR L 122 -55.98 21.38 2.49
N PRO L 123 -55.23 22.41 2.85
CA PRO L 123 -55.54 23.78 2.47
C PRO L 123 -55.53 24.08 0.98
N ILE L 124 -56.67 23.99 0.31
CA ILE L 124 -56.68 24.32 -1.11
C ILE L 124 -56.81 25.83 -1.20
N PRO L 125 -55.96 26.48 -2.03
CA PRO L 125 -55.97 27.92 -2.20
C PRO L 125 -56.96 28.35 -3.27
N THR L 126 -57.26 29.64 -3.32
CA THR L 126 -58.16 30.15 -4.33
C THR L 126 -57.28 30.56 -5.54
N ASP L 127 -56.19 31.24 -5.28
CA ASP L 127 -55.29 31.65 -6.35
C ASP L 127 -54.23 30.59 -6.50
N SER L 128 -52.99 31.00 -6.22
CA SER L 128 -51.80 30.19 -6.27
C SER L 128 -50.57 31.09 -6.35
N THR L 129 -49.39 30.48 -6.20
CA THR L 129 -48.14 31.21 -6.26
C THR L 129 -47.11 30.29 -6.91
N ARG L 130 -46.29 30.84 -7.81
CA ARG L 130 -45.28 30.05 -8.52
C ARG L 130 -44.69 28.84 -7.77
N ARG L 131 -45.22 27.67 -8.09
CA ARG L 131 -44.83 26.38 -7.51
C ARG L 131 -43.36 26.01 -7.40
N GLU L 132 -43.17 24.72 -7.13
CA GLU L 132 -41.86 24.12 -7.00
C GLU L 132 -41.31 24.24 -8.40
N GLY L 133 -39.99 24.22 -8.55
CA GLY L 133 -39.43 24.33 -9.88
C GLY L 133 -40.03 25.54 -10.57
N GLY L 134 -39.91 25.61 -11.90
CA GLY L 134 -40.45 26.74 -12.61
C GLY L 134 -40.49 26.48 -14.09
N ARG L 135 -41.53 26.99 -14.72
CA ARG L 135 -41.72 26.80 -16.16
C ARG L 135 -41.77 25.33 -16.54
N ARG L 136 -40.68 24.61 -16.30
CA ARG L 136 -40.64 23.19 -16.64
C ARG L 136 -40.61 22.18 -15.49
N GLY L 137 -40.23 22.62 -14.30
CA GLY L 137 -40.23 21.72 -13.15
C GLY L 137 -39.29 20.52 -13.15
N ARG L 138 -39.35 19.74 -12.08
CA ARG L 138 -38.49 18.57 -11.93
C ARG L 138 -38.41 17.83 -13.27
N ARG L 139 -37.20 17.85 -13.83
CA ARG L 139 -36.89 17.22 -15.11
C ARG L 139 -35.84 16.10 -14.92
N LEU L 140 -36.27 14.86 -15.12
CA LEU L 140 -35.46 13.62 -15.01
C LEU L 140 -36.10 12.80 -13.90
N GLY M 1 -59.15 36.78 -58.64
CA GLY M 1 -57.97 36.99 -59.52
C GLY M 1 -56.68 36.52 -58.88
N VAL M 2 -55.57 36.66 -59.59
CA VAL M 2 -54.29 36.24 -59.06
C VAL M 2 -53.61 37.52 -58.63
N GLY M 3 -52.32 37.44 -58.31
CA GLY M 3 -51.59 38.63 -57.86
C GLY M 3 -51.52 39.75 -58.87
N LYS M 4 -51.09 39.39 -60.07
CA LYS M 4 -50.96 40.35 -61.16
C LYS M 4 -52.32 41.05 -61.36
N PRO M 5 -52.31 42.35 -61.67
CA PRO M 5 -53.53 43.14 -61.91
C PRO M 5 -53.94 43.14 -63.39
N ARG M 6 -55.23 42.92 -63.68
CA ARG M 6 -55.71 42.86 -65.06
C ARG M 6 -56.48 44.05 -65.56
N GLY M 7 -55.94 45.25 -65.41
CA GLY M 7 -56.63 46.43 -65.89
C GLY M 7 -56.06 46.93 -67.20
N ILE M 8 -56.92 47.47 -68.06
CA ILE M 8 -56.48 47.99 -69.35
C ILE M 8 -55.78 49.31 -69.11
N ARG M 9 -56.09 49.94 -67.98
CA ARG M 9 -55.51 51.23 -67.58
C ARG M 9 -54.25 51.01 -66.74
N ALA M 10 -54.02 49.78 -66.32
CA ALA M 10 -52.87 49.49 -65.49
C ALA M 10 -51.76 48.77 -66.23
N GLY M 11 -51.24 49.40 -67.27
CA GLY M 11 -50.17 48.77 -68.01
C GLY M 11 -48.90 49.15 -67.30
N ARG M 12 -48.79 50.44 -67.03
CA ARG M 12 -47.64 50.99 -66.33
C ARG M 12 -47.24 50.10 -65.18
N LYS M 13 -48.21 49.82 -64.31
CA LYS M 13 -47.99 48.97 -63.16
C LYS M 13 -47.30 47.67 -63.59
N LEU M 14 -47.96 46.89 -64.44
CA LEU M 14 -47.38 45.62 -64.87
C LEU M 14 -45.97 45.80 -65.42
N ALA M 15 -45.77 46.88 -66.17
CA ALA M 15 -44.49 47.17 -66.76
C ALA M 15 -43.38 47.31 -65.73
N ARG M 16 -43.59 48.24 -64.81
CA ARG M 16 -42.58 48.49 -63.79
C ARG M 16 -42.34 47.21 -63.01
N HIS M 17 -43.41 46.47 -62.74
CA HIS M 17 -43.33 45.23 -61.99
C HIS M 17 -42.37 44.25 -62.64
N ARG M 18 -42.50 44.06 -63.95
CA ARG M 18 -41.61 43.15 -64.70
C ARG M 18 -40.17 43.62 -64.69
N LYS M 19 -39.97 44.91 -64.89
CA LYS M 19 -38.61 45.46 -64.89
C LYS M 19 -37.97 45.21 -63.54
N ASP M 20 -38.78 45.26 -62.48
CA ASP M 20 -38.33 45.04 -61.11
C ASP M 20 -38.13 43.57 -60.80
N GLN M 21 -39.23 42.83 -60.72
CA GLN M 21 -39.18 41.40 -60.42
C GLN M 21 -38.19 40.66 -61.31
N ARG M 22 -37.70 41.35 -62.33
CA ARG M 22 -36.74 40.75 -63.26
C ARG M 22 -35.30 40.68 -62.75
N TRP M 23 -34.96 41.49 -61.76
CA TRP M 23 -33.61 41.47 -61.21
C TRP M 23 -33.30 40.17 -60.52
N ALA M 24 -34.32 39.37 -60.30
CA ALA M 24 -34.18 38.09 -59.63
C ALA M 24 -33.49 37.06 -60.54
N ASP M 25 -33.18 37.45 -61.77
CA ASP M 25 -32.53 36.54 -62.70
C ASP M 25 -31.03 36.81 -62.67
N ASN M 26 -30.23 35.77 -62.49
CA ASN M 26 -28.79 35.98 -62.44
C ASN M 26 -28.26 36.32 -63.82
N ASP M 27 -28.71 35.59 -64.82
CA ASP M 27 -28.26 35.82 -66.19
C ASP M 27 -28.46 37.31 -66.54
N PHE M 28 -29.58 37.84 -66.08
CA PHE M 28 -29.96 39.23 -66.28
C PHE M 28 -29.04 40.11 -65.44
N ASN M 29 -29.16 39.89 -64.14
CA ASN M 29 -28.42 40.59 -63.10
C ASN M 29 -26.93 40.63 -63.44
N LYS M 30 -26.49 39.60 -64.15
CA LYS M 30 -25.08 39.44 -64.52
C LYS M 30 -24.62 40.46 -65.55
N ARG M 31 -25.14 40.34 -66.77
CA ARG M 31 -24.73 41.23 -67.86
C ARG M 31 -25.16 42.65 -67.56
N LEU M 32 -26.26 42.78 -66.84
CA LEU M 32 -26.76 44.10 -66.51
C LEU M 32 -25.80 44.85 -65.61
N LEU M 33 -25.09 44.13 -64.76
CA LEU M 33 -24.14 44.78 -63.86
C LEU M 33 -22.71 44.67 -64.35
N GLY M 34 -22.48 45.13 -65.58
CA GLY M 34 -21.15 45.09 -66.17
C GLY M 34 -20.19 44.22 -65.40
N SER M 35 -20.62 43.00 -65.13
CA SER M 35 -19.82 42.06 -64.38
C SER M 35 -18.80 41.41 -65.30
N ARG M 36 -19.22 41.18 -66.53
CA ARG M 36 -18.39 40.55 -67.53
C ARG M 36 -17.10 41.33 -67.72
N TRP M 37 -17.18 42.66 -67.59
CA TRP M 37 -16.02 43.51 -67.80
C TRP M 37 -14.98 43.48 -66.69
N ARG M 38 -15.38 43.01 -65.52
CA ARG M 38 -14.46 42.99 -64.39
C ARG M 38 -13.63 41.72 -64.24
N ASN M 39 -14.03 40.66 -64.94
CA ASN M 39 -13.26 39.42 -64.83
C ASN M 39 -11.85 39.65 -65.37
N PRO M 40 -10.96 38.68 -65.19
CA PRO M 40 -9.56 38.76 -65.64
C PRO M 40 -9.33 39.07 -67.12
N PHE M 41 -10.24 38.66 -67.99
CA PHE M 41 -10.06 38.91 -69.41
C PHE M 41 -10.69 40.22 -69.83
N MET M 42 -11.47 40.79 -68.92
CA MET M 42 -12.17 42.03 -69.17
C MET M 42 -13.18 41.79 -70.29
N GLY M 43 -14.03 40.79 -70.10
CA GLY M 43 -15.06 40.43 -71.07
C GLY M 43 -14.52 39.52 -72.16
N ALA M 44 -13.34 39.87 -72.65
CA ALA M 44 -12.64 39.14 -73.71
C ALA M 44 -12.90 37.62 -73.75
N SER M 45 -12.61 37.04 -74.90
CA SER M 45 -12.76 35.62 -75.17
C SER M 45 -11.45 34.91 -74.88
N HIS M 46 -10.34 35.56 -75.23
CA HIS M 46 -9.00 35.05 -74.99
C HIS M 46 -8.04 36.12 -74.48
N ALA M 47 -6.90 35.68 -73.97
CA ALA M 47 -5.91 36.61 -73.43
C ALA M 47 -4.52 36.05 -73.55
N LYS M 48 -3.57 36.91 -73.90
CA LYS M 48 -2.18 36.50 -74.03
C LYS M 48 -1.55 36.68 -72.68
N GLY M 49 -0.44 35.98 -72.44
CA GLY M 49 0.23 36.09 -71.16
C GLY M 49 1.59 35.41 -71.12
N LEU M 50 2.33 35.66 -70.05
CA LEU M 50 3.65 35.08 -69.86
C LEU M 50 3.58 34.06 -68.72
N VAL M 51 4.20 32.91 -68.91
CA VAL M 51 4.17 31.85 -67.91
C VAL M 51 4.94 32.27 -66.66
N THR M 52 4.25 32.38 -65.54
CA THR M 52 4.92 32.75 -64.29
C THR M 52 5.55 31.54 -63.62
N GLU M 53 5.07 30.33 -63.95
CA GLU M 53 5.61 29.11 -63.36
C GLU M 53 4.65 27.96 -63.56
N LYS M 54 5.18 26.76 -63.73
CA LYS M 54 4.28 25.62 -63.87
C LYS M 54 4.12 25.03 -62.49
N ILE M 55 2.88 25.01 -62.01
CA ILE M 55 2.53 24.50 -60.70
C ILE M 55 1.57 23.35 -60.91
N GLY M 56 1.42 22.49 -59.92
CA GLY M 56 0.50 21.39 -60.08
C GLY M 56 -0.58 21.50 -59.05
N ILE M 57 -1.79 21.06 -59.37
CA ILE M 57 -2.89 21.09 -58.42
C ILE M 57 -3.55 19.73 -58.27
N GLU M 58 -4.04 19.45 -57.06
CA GLU M 58 -4.65 18.17 -56.68
C GLU M 58 -6.11 18.08 -57.04
N SER M 59 -6.53 16.89 -57.42
CA SER M 59 -7.91 16.68 -57.80
C SER M 59 -8.77 16.75 -56.55
N LYS M 60 -10.08 16.90 -56.73
CA LYS M 60 -11.00 16.98 -55.60
C LYS M 60 -11.67 15.65 -55.26
N GLN M 61 -12.75 15.72 -54.48
CA GLN M 61 -13.50 14.55 -54.00
C GLN M 61 -13.14 13.10 -54.39
N PRO M 62 -13.91 12.42 -55.26
CA PRO M 62 -13.54 11.03 -55.59
C PRO M 62 -12.31 10.80 -56.46
N ASN M 63 -11.71 11.89 -56.93
CA ASN M 63 -10.53 11.80 -57.77
C ASN M 63 -9.28 12.26 -57.04
N SER M 64 -8.16 11.66 -57.38
CA SER M 64 -6.89 12.01 -56.77
C SER M 64 -5.89 12.11 -57.91
N ALA M 65 -5.44 13.31 -58.23
CA ALA M 65 -4.47 13.45 -59.32
C ALA M 65 -3.76 14.78 -59.38
N VAL M 66 -2.57 14.75 -59.99
CA VAL M 66 -1.73 15.93 -60.15
C VAL M 66 -2.07 16.61 -61.47
N ARG M 67 -2.80 17.71 -61.39
CA ARG M 67 -3.19 18.41 -62.59
C ARG M 67 -2.06 19.34 -62.96
N LYS M 68 -1.90 19.51 -64.26
CA LYS M 68 -0.86 20.36 -64.79
C LYS M 68 -1.48 21.74 -64.92
N CYS M 69 -0.78 22.75 -64.43
CA CYS M 69 -1.30 24.11 -64.46
C CYS M 69 -0.17 25.10 -64.59
N VAL M 70 -0.46 26.22 -65.23
CA VAL M 70 0.55 27.24 -65.37
C VAL M 70 0.03 28.53 -64.78
N ARG M 71 0.86 29.24 -64.01
CA ARG M 71 0.41 30.51 -63.45
C ARG M 71 0.82 31.55 -64.47
N VAL M 72 -0.15 32.20 -65.08
CA VAL M 72 0.14 33.19 -66.11
C VAL M 72 -0.13 34.65 -65.72
N LEU M 73 0.58 35.55 -66.41
CA LEU M 73 0.43 36.98 -66.22
C LEU M 73 -0.18 37.55 -67.50
N LEU M 74 -1.43 37.98 -67.42
CA LEU M 74 -2.11 38.53 -68.58
C LEU M 74 -1.49 39.87 -68.96
N ARG M 75 -1.42 40.19 -70.25
CA ARG M 75 -0.81 41.43 -70.71
C ARG M 75 -1.38 42.78 -70.28
N LYS M 76 -2.38 43.30 -70.96
CA LYS M 76 -2.91 44.61 -70.57
C LYS M 76 -3.65 44.58 -69.24
N ASN M 77 -4.22 43.43 -68.90
CA ASN M 77 -4.94 43.28 -67.64
C ASN M 77 -3.96 43.28 -66.46
N SER M 78 -2.96 42.40 -66.53
CA SER M 78 -1.94 42.28 -65.50
C SER M 78 -2.46 41.59 -64.25
N LYS M 79 -2.94 40.36 -64.40
CA LYS M 79 -3.47 39.61 -63.27
C LYS M 79 -2.83 38.24 -63.19
N LYS M 80 -2.85 37.66 -62.01
CA LYS M 80 -2.31 36.33 -61.79
C LYS M 80 -3.40 35.37 -62.26
N ILE M 81 -3.06 34.47 -63.16
CA ILE M 81 -4.04 33.53 -63.65
C ILE M 81 -3.68 32.08 -63.38
N ALA M 82 -4.70 31.29 -63.10
CA ALA M 82 -4.54 29.87 -62.86
C ALA M 82 -4.97 29.24 -64.18
N ALA M 83 -4.05 28.58 -64.89
CA ALA M 83 -4.40 27.98 -66.18
C ALA M 83 -4.04 26.51 -66.31
N PHE M 84 -5.05 25.70 -66.61
CA PHE M 84 -4.89 24.27 -66.75
C PHE M 84 -4.34 23.96 -68.12
N VAL M 85 -3.25 23.22 -68.15
CA VAL M 85 -2.64 22.80 -69.41
C VAL M 85 -3.35 21.51 -69.78
N PRO M 86 -3.99 21.45 -70.96
CA PRO M 86 -4.73 20.27 -71.41
C PRO M 86 -4.01 18.92 -71.44
N MET M 87 -4.37 18.10 -72.43
CA MET M 87 -3.86 16.75 -72.67
C MET M 87 -2.52 16.29 -72.05
N ASP M 88 -2.29 14.98 -72.12
CA ASP M 88 -1.10 14.31 -71.57
C ASP M 88 0.20 15.08 -71.34
N GLY M 89 1.17 14.87 -72.21
CA GLY M 89 2.46 15.53 -72.06
C GLY M 89 2.50 17.04 -72.11
N CYS M 90 1.40 17.65 -72.51
CA CYS M 90 1.33 19.10 -72.64
C CYS M 90 2.34 19.97 -71.87
N LEU M 91 2.30 19.98 -70.54
CA LEU M 91 3.25 20.83 -69.79
C LEU M 91 4.71 20.68 -70.20
N ASN M 92 5.05 19.60 -70.90
CA ASN M 92 6.42 19.40 -71.33
C ASN M 92 6.85 20.40 -72.43
N PHE M 93 5.89 21.15 -72.97
CA PHE M 93 6.18 22.13 -74.03
C PHE M 93 6.25 23.55 -73.48
N LEU M 94 5.45 23.81 -72.46
CA LEU M 94 5.41 25.10 -71.83
C LEU M 94 6.69 25.37 -71.06
N ALA M 95 7.51 26.25 -71.62
CA ALA M 95 8.76 26.63 -70.97
C ALA M 95 8.42 27.90 -70.19
N GLU M 96 9.00 28.05 -69.01
CA GLU M 96 8.71 29.24 -68.20
C GLU M 96 9.11 30.54 -68.89
N ASN M 97 8.17 31.48 -68.92
CA ASN M 97 8.33 32.81 -69.54
C ASN M 97 7.88 32.92 -70.98
N ASP M 98 7.44 31.81 -71.57
CA ASP M 98 6.97 31.81 -72.95
C ASP M 98 5.64 32.55 -73.00
N GLU M 99 5.14 32.80 -74.21
CA GLU M 99 3.87 33.47 -74.36
C GLU M 99 2.76 32.45 -74.54
N VAL M 100 1.69 32.61 -73.77
CA VAL M 100 0.58 31.67 -73.81
C VAL M 100 -0.78 32.33 -74.08
N LEU M 101 -1.65 31.60 -74.78
CA LEU M 101 -3.00 32.08 -75.09
C LEU M 101 -4.03 31.25 -74.30
N VAL M 102 -4.76 31.91 -73.42
CA VAL M 102 -5.73 31.22 -72.59
C VAL M 102 -7.19 31.58 -72.82
N ALA M 103 -8.06 30.59 -72.61
CA ALA M 103 -9.51 30.70 -72.76
C ALA M 103 -10.17 29.95 -71.61
N GLY M 104 -11.43 30.23 -71.36
CA GLY M 104 -12.14 29.57 -70.26
C GLY M 104 -12.56 28.14 -70.50
N LEU M 105 -13.14 27.51 -69.48
CA LEU M 105 -13.63 26.15 -69.59
C LEU M 105 -15.14 26.21 -69.30
N GLY M 106 -15.97 25.67 -70.20
CA GLY M 106 -17.42 25.68 -70.01
C GLY M 106 -18.01 26.79 -69.13
N ARG M 107 -18.61 27.78 -69.78
CA ARG M 107 -19.18 28.95 -69.11
C ARG M 107 -18.29 29.46 -67.99
N GLN M 108 -17.81 30.68 -68.16
CA GLN M 108 -16.91 31.31 -67.21
C GLN M 108 -17.43 31.31 -65.77
N GLY M 109 -16.95 30.36 -64.97
CA GLY M 109 -17.36 30.30 -63.57
C GLY M 109 -16.89 29.05 -62.88
N HIS M 110 -17.67 27.98 -62.96
CA HIS M 110 -17.29 26.72 -62.34
C HIS M 110 -16.20 26.12 -63.19
N ALA M 111 -15.15 25.60 -62.57
CA ALA M 111 -14.09 24.96 -63.34
C ALA M 111 -14.58 23.54 -63.61
N VAL M 112 -13.86 22.75 -64.39
CA VAL M 112 -14.29 21.38 -64.64
C VAL M 112 -14.50 20.71 -63.29
N GLY M 113 -15.55 19.91 -63.16
CA GLY M 113 -15.80 19.25 -61.89
C GLY M 113 -14.58 18.89 -61.05
N ASP M 114 -13.52 18.37 -61.68
CA ASP M 114 -12.28 17.92 -61.02
C ASP M 114 -11.37 18.99 -60.41
N ILE M 115 -11.03 19.98 -61.20
CA ILE M 115 -10.17 21.09 -60.79
C ILE M 115 -10.70 21.88 -59.58
N PRO M 116 -9.81 22.57 -58.83
CA PRO M 116 -10.23 23.35 -57.68
C PRO M 116 -10.57 24.82 -57.99
N GLY M 117 -9.57 25.68 -58.07
CA GLY M 117 -9.82 27.09 -58.33
C GLY M 117 -9.34 27.57 -59.69
N VAL M 118 -9.20 26.64 -60.63
CA VAL M 118 -8.73 26.97 -61.98
C VAL M 118 -9.89 27.27 -62.90
N ARG M 119 -9.77 28.38 -63.62
CA ARG M 119 -10.83 28.76 -64.52
C ARG M 119 -10.37 28.92 -65.96
N PHE M 120 -9.12 28.55 -66.24
CA PHE M 120 -8.62 28.71 -67.59
C PHE M 120 -7.86 27.55 -68.23
N LYS M 121 -7.88 27.56 -69.56
CA LYS M 121 -7.28 26.57 -70.42
C LYS M 121 -6.12 27.23 -71.19
N VAL M 122 -5.09 26.45 -71.48
CA VAL M 122 -3.93 26.98 -72.21
C VAL M 122 -4.00 26.45 -73.63
N VAL M 123 -4.02 27.32 -74.63
CA VAL M 123 -4.07 26.84 -76.02
C VAL M 123 -2.84 27.12 -76.90
N CYS M 124 -1.97 28.04 -76.46
CA CYS M 124 -0.78 28.37 -77.24
C CYS M 124 0.51 28.63 -76.48
N VAL M 125 1.59 28.10 -77.04
CA VAL M 125 2.93 28.20 -76.48
C VAL M 125 3.80 28.93 -77.48
N LYS M 126 4.25 30.13 -77.17
CA LYS M 126 5.09 30.87 -78.10
C LYS M 126 4.29 31.03 -79.39
N GLY M 127 2.97 31.11 -79.25
CA GLY M 127 2.14 31.25 -80.43
C GLY M 127 2.15 30.02 -81.32
N ILE M 128 1.97 28.85 -80.72
CA ILE M 128 1.94 27.57 -81.42
C ILE M 128 0.85 26.73 -80.76
N SER M 129 -0.27 26.56 -81.43
CA SER M 129 -1.37 25.79 -80.87
C SER M 129 -0.84 24.54 -80.20
N LEU M 130 -1.35 24.24 -79.01
CA LEU M 130 -0.91 23.07 -78.30
C LEU M 130 -1.18 21.81 -79.10
N LEU M 131 -2.44 21.61 -79.51
CA LEU M 131 -2.79 20.43 -80.27
C LEU M 131 -1.65 20.16 -81.27
N ALA M 132 -1.21 21.21 -81.94
CA ALA M 132 -0.14 21.11 -82.92
C ALA M 132 1.11 20.47 -82.32
N LEU M 133 1.47 20.90 -81.11
CA LEU M 133 2.64 20.36 -80.45
C LEU M 133 2.35 18.97 -79.92
N PHE M 134 1.07 18.64 -79.79
CA PHE M 134 0.68 17.34 -79.25
C PHE M 134 0.81 16.22 -80.25
N LYS M 135 0.67 16.54 -81.53
CA LYS M 135 0.79 15.54 -82.57
C LYS M 135 2.10 15.75 -83.33
N GLY M 136 3.01 14.79 -83.18
CA GLY M 136 4.32 14.88 -83.80
C GLY M 136 4.42 15.53 -85.16
N LYS M 137 3.74 14.96 -86.14
CA LYS M 137 3.76 15.46 -87.52
C LYS M 137 3.31 16.92 -87.70
N LYS M 138 3.07 17.64 -86.62
CA LYS M 138 2.61 19.03 -86.75
C LYS M 138 3.66 20.11 -86.53
N GLU M 139 4.04 20.37 -85.28
CA GLU M 139 5.01 21.42 -84.99
C GLU M 139 5.76 21.25 -83.67
N LYS M 140 6.92 21.89 -83.58
CA LYS M 140 7.78 21.86 -82.39
C LYS M 140 8.95 22.84 -82.52
N ARG M 141 9.34 23.45 -81.40
CA ARG M 141 10.45 24.40 -81.40
C ARG M 141 11.46 24.11 -80.30
N THR N 1 3.78 16.23 -58.36
CA THR N 1 5.10 15.94 -59.01
C THR N 1 5.42 17.06 -59.99
N LEU N 2 5.83 16.64 -61.17
CA LEU N 2 6.19 17.51 -62.29
C LEU N 2 6.91 16.57 -63.24
N ALA N 3 8.10 16.13 -62.85
CA ALA N 3 8.89 15.23 -63.67
C ALA N 3 8.07 14.02 -64.08
N LYS N 4 6.91 13.85 -63.45
CA LYS N 4 6.03 12.74 -63.74
C LYS N 4 5.11 13.08 -64.91
N ALA N 5 5.48 14.12 -65.65
CA ALA N 5 4.70 14.61 -66.80
C ALA N 5 4.60 13.63 -67.94
N GLY N 6 3.38 13.35 -68.38
CA GLY N 6 3.19 12.43 -69.49
C GLY N 6 3.77 11.05 -69.29
N LYS N 7 3.87 10.61 -68.05
CA LYS N 7 4.38 9.28 -67.74
C LYS N 7 3.76 8.25 -68.67
N VAL N 8 2.45 8.34 -68.88
CA VAL N 8 1.73 7.41 -69.74
C VAL N 8 2.24 7.29 -71.17
N ARG N 9 2.05 8.35 -71.96
CA ARG N 9 2.48 8.34 -73.36
C ARG N 9 3.90 7.87 -73.59
N LYS N 10 4.83 8.33 -72.76
CA LYS N 10 6.22 7.92 -72.88
C LYS N 10 6.32 6.40 -72.78
N GLN N 11 5.55 5.81 -71.87
CA GLN N 11 5.53 4.36 -71.64
C GLN N 11 4.77 3.55 -72.69
N THR N 12 4.03 4.23 -73.56
CA THR N 12 3.25 3.52 -74.57
C THR N 12 4.03 3.09 -75.81
N PRO N 13 3.93 1.80 -76.16
CA PRO N 13 4.61 1.20 -77.30
C PRO N 13 3.93 1.68 -78.57
N LYS N 14 4.65 2.47 -79.38
CA LYS N 14 4.04 2.98 -80.60
C LYS N 14 3.76 1.92 -81.67
N VAL N 15 2.50 1.54 -81.80
CA VAL N 15 2.08 0.56 -82.78
C VAL N 15 1.86 1.35 -84.07
N GLU N 16 2.03 0.70 -85.23
CA GLU N 16 1.83 1.39 -86.50
C GLU N 16 0.46 1.11 -87.08
N LYS N 17 0.06 1.94 -88.04
CA LYS N 17 -1.26 1.79 -88.67
C LYS N 17 -1.21 1.01 -89.97
N LYS N 18 -2.17 0.09 -90.12
CA LYS N 18 -2.27 -0.77 -91.30
C LYS N 18 -2.31 0.03 -92.59
N ASP N 19 -1.16 0.18 -93.24
CA ASP N 19 -1.07 0.94 -94.49
C ASP N 19 -2.15 0.55 -95.50
N LYS N 20 -3.17 1.40 -95.57
CA LYS N 20 -4.32 1.25 -96.46
C LYS N 20 -4.13 0.20 -97.54
N PRO N 21 -4.90 -0.91 -97.48
CA PRO N 21 -4.73 -1.91 -98.52
C PRO N 21 -4.99 -1.21 -99.87
N ARG N 22 -6.17 -0.63 -99.99
CA ARG N 22 -6.54 0.09 -101.21
C ARG N 22 -6.80 1.58 -100.96
N LYS N 23 -8.07 1.95 -100.79
CA LYS N 23 -8.45 3.34 -100.57
C LYS N 23 -9.81 3.43 -99.91
N THR N 24 -10.16 4.59 -99.39
CA THR N 24 -11.46 4.80 -98.77
C THR N 24 -12.13 5.90 -99.57
N PRO N 25 -13.06 5.53 -100.45
CA PRO N 25 -13.76 6.49 -101.28
C PRO N 25 -14.39 7.65 -100.51
N LYS N 26 -13.95 8.86 -100.79
CA LYS N 26 -14.48 10.03 -100.12
C LYS N 26 -15.36 10.84 -101.07
N GLY N 27 -16.65 10.88 -100.76
CA GLY N 27 -17.61 11.60 -101.59
C GLY N 27 -18.93 10.87 -101.54
N ARG N 28 -19.81 11.13 -102.50
CA ARG N 28 -21.10 10.46 -102.53
C ARG N 28 -20.90 8.96 -102.43
N SER N 29 -19.69 8.54 -102.75
CA SER N 29 -19.35 7.13 -102.73
C SER N 29 -19.40 6.53 -101.35
N TYR N 30 -18.79 7.20 -100.38
CA TYR N 30 -18.78 6.69 -99.02
C TYR N 30 -20.21 6.59 -98.51
N LYS N 31 -20.95 7.66 -98.70
CA LYS N 31 -22.34 7.72 -98.25
C LYS N 31 -23.09 6.64 -99.00
N ARG N 32 -22.62 6.30 -100.18
CA ARG N 32 -23.28 5.26 -100.94
C ARG N 32 -23.03 3.92 -100.26
N ILE N 33 -21.75 3.60 -100.04
CA ILE N 33 -21.36 2.31 -99.44
C ILE N 33 -22.12 2.07 -98.16
N LEU N 34 -22.18 3.11 -97.35
CA LEU N 34 -22.89 3.01 -96.09
C LEU N 34 -24.33 2.65 -96.39
N TYR N 35 -24.97 3.42 -97.26
CA TYR N 35 -26.35 3.13 -97.61
C TYR N 35 -26.51 1.64 -97.91
N ASN N 36 -25.55 1.09 -98.64
CA ASN N 36 -25.58 -0.30 -99.05
C ASN N 36 -25.32 -1.30 -97.94
N ARG N 37 -24.31 -1.04 -97.12
CA ARG N 37 -23.98 -1.95 -96.06
C ARG N 37 -25.04 -1.98 -94.97
N ARG N 38 -25.91 -0.97 -94.90
CA ARG N 38 -26.92 -0.96 -93.85
C ARG N 38 -28.37 -0.72 -94.24
N TYR N 39 -28.65 0.32 -95.00
CA TYR N 39 -30.04 0.63 -95.34
C TYR N 39 -30.46 0.08 -96.69
N ALA N 40 -29.64 -0.82 -97.24
CA ALA N 40 -29.98 -1.43 -98.50
C ALA N 40 -31.10 -2.42 -98.18
N PRO N 41 -32.12 -2.52 -99.04
CA PRO N 41 -33.26 -3.42 -98.85
C PRO N 41 -33.06 -4.85 -98.30
N HIS N 42 -31.86 -5.44 -98.40
CA HIS N 42 -31.73 -6.80 -97.85
C HIS N 42 -31.65 -6.81 -96.32
N ILE N 43 -31.24 -5.69 -95.73
CA ILE N 43 -31.14 -5.57 -94.28
C ILE N 43 -32.45 -5.01 -93.68
N LEU N 44 -33.17 -4.21 -94.46
CA LEU N 44 -34.43 -3.63 -94.03
C LEU N 44 -35.44 -4.75 -94.27
N ALA N 45 -34.95 -5.79 -94.94
CA ALA N 45 -35.76 -6.96 -95.26
C ALA N 45 -35.94 -7.82 -94.02
N THR N 46 -34.85 -8.33 -93.47
CA THR N 46 -34.96 -9.15 -92.27
C THR N 46 -35.48 -8.22 -91.17
N ASP N 47 -36.12 -8.80 -90.17
CA ASP N 47 -36.68 -8.03 -89.05
C ASP N 47 -35.90 -6.77 -88.71
N PRO N 48 -36.60 -5.68 -88.36
CA PRO N 48 -35.93 -4.43 -88.01
C PRO N 48 -35.57 -4.53 -86.53
N LYS N 49 -36.03 -5.62 -85.92
CA LYS N 49 -35.82 -5.91 -84.51
C LYS N 49 -34.70 -6.94 -84.30
N LYS N 50 -34.27 -7.59 -85.38
CA LYS N 50 -33.23 -8.61 -85.29
C LYS N 50 -32.01 -8.35 -86.21
N ARG N 51 -31.82 -7.09 -86.59
CA ARG N 51 -30.69 -6.73 -87.44
C ARG N 51 -29.52 -6.24 -86.60
N LYS N 52 -28.33 -6.68 -86.99
CA LYS N 52 -27.08 -6.39 -86.31
C LYS N 52 -26.57 -4.96 -86.07
N SER N 53 -25.60 -4.87 -85.17
CA SER N 53 -24.95 -3.61 -84.77
C SER N 53 -23.90 -3.20 -85.78
N PRO N 54 -24.02 -1.98 -86.33
CA PRO N 54 -23.08 -1.44 -87.30
C PRO N 54 -21.61 -1.49 -86.91
N ASN N 55 -21.29 -2.20 -85.82
CA ASN N 55 -19.91 -2.38 -85.37
C ASN N 55 -19.71 -3.64 -84.53
N TRP N 56 -20.61 -4.62 -84.68
CA TRP N 56 -20.45 -5.87 -83.97
C TRP N 56 -19.22 -6.52 -84.63
N HIS N 57 -18.95 -6.05 -85.84
CA HIS N 57 -17.81 -6.46 -86.66
C HIS N 57 -16.62 -5.72 -86.07
N ALA N 58 -16.51 -5.76 -84.75
CA ALA N 58 -15.45 -5.06 -84.04
C ALA N 58 -14.09 -5.28 -84.69
N GLY N 59 -14.09 -6.02 -85.81
CA GLY N 59 -12.87 -6.30 -86.52
C GLY N 59 -12.50 -7.73 -86.22
N LYS N 60 -13.51 -8.52 -85.83
CA LYS N 60 -13.31 -9.91 -85.49
C LYS N 60 -13.25 -10.82 -86.73
N LYS N 61 -12.04 -11.22 -87.08
CA LYS N 61 -11.79 -12.08 -88.24
C LYS N 61 -12.60 -13.38 -88.25
N GLU N 62 -12.98 -13.88 -87.07
CA GLU N 62 -13.75 -15.12 -86.97
C GLU N 62 -15.24 -14.93 -87.24
N LYS N 63 -15.78 -13.78 -86.84
CA LYS N 63 -17.18 -13.48 -87.08
C LYS N 63 -17.31 -12.66 -88.37
N MET N 64 -16.16 -12.18 -88.85
CA MET N 64 -16.09 -11.38 -90.07
C MET N 64 -16.41 -12.24 -91.28
N ASP N 65 -15.89 -13.46 -91.28
CA ASP N 65 -16.10 -14.43 -92.36
C ASP N 65 -17.45 -15.16 -92.23
N ALA N 66 -17.87 -15.43 -90.99
CA ALA N 66 -19.13 -16.13 -90.75
C ALA N 66 -20.32 -15.38 -91.33
N ALA N 67 -20.24 -14.05 -91.31
CA ALA N 67 -21.30 -13.20 -91.85
C ALA N 67 -21.24 -13.17 -93.38
N ALA N 68 -20.06 -12.88 -93.92
CA ALA N 68 -19.88 -12.80 -95.38
C ALA N 68 -19.77 -14.20 -96.00
N PHE O 1 42.52 -38.40 -9.93
CA PHE O 1 42.41 -39.88 -9.79
C PHE O 1 41.01 -40.34 -10.26
N THR O 2 40.82 -40.40 -11.58
CA THR O 2 39.55 -40.80 -12.19
C THR O 2 39.66 -42.03 -13.09
N PHE O 3 38.61 -42.84 -13.13
CA PHE O 3 38.58 -44.06 -13.94
C PHE O 3 37.40 -44.06 -14.94
N ARG O 4 37.15 -45.21 -15.58
CA ARG O 4 36.08 -45.31 -16.57
C ARG O 4 35.13 -46.50 -16.42
N GLY O 5 33.84 -46.23 -16.58
CA GLY O 5 32.80 -47.24 -16.49
C GLY O 5 33.12 -48.70 -16.23
N LYS O 6 33.44 -49.45 -17.28
CA LYS O 6 33.74 -50.90 -17.18
C LYS O 6 35.10 -51.35 -17.75
N GLY O 7 36.03 -50.41 -17.91
CA GLY O 7 37.34 -50.77 -18.44
C GLY O 7 37.36 -50.72 -19.95
N LEU O 8 37.78 -49.57 -20.47
CA LEU O 8 37.84 -49.33 -21.91
C LEU O 8 38.49 -50.46 -22.70
N GLU O 9 39.44 -51.15 -22.08
CA GLU O 9 40.13 -52.24 -22.75
C GLU O 9 39.35 -53.55 -22.73
N GLU O 10 38.83 -53.93 -21.57
CA GLU O 10 38.08 -55.19 -21.46
C GLU O 10 37.08 -55.26 -22.62
N LEU O 11 36.53 -54.11 -22.96
CA LEU O 11 35.54 -54.01 -24.02
C LEU O 11 36.13 -54.15 -25.42
N THR O 12 37.33 -53.63 -25.65
CA THR O 12 37.95 -53.76 -26.96
C THR O 12 38.21 -55.24 -27.24
N ALA O 13 38.33 -56.02 -26.16
CA ALA O 13 38.56 -57.46 -26.24
C ALA O 13 37.20 -58.13 -26.20
N LEU O 14 36.24 -57.44 -25.59
CA LEU O 14 34.88 -57.91 -25.48
C LEU O 14 34.17 -57.77 -26.84
N ALA O 15 34.39 -56.62 -27.49
CA ALA O 15 33.80 -56.33 -28.80
C ALA O 15 34.53 -57.05 -29.93
N SER O 16 35.85 -56.94 -29.97
CA SER O 16 36.67 -57.59 -30.99
C SER O 16 37.10 -58.98 -30.51
N GLY O 17 36.26 -59.59 -29.67
CA GLY O 17 36.53 -60.90 -29.13
C GLY O 17 36.74 -61.96 -30.20
N SER O 18 36.89 -63.21 -29.77
CA SER O 18 37.12 -64.33 -30.70
C SER O 18 36.29 -64.19 -31.98
N ASN O 19 35.03 -63.81 -31.84
CA ASN O 19 34.14 -63.64 -32.99
C ASN O 19 33.75 -62.17 -33.18
N SER O 20 34.70 -61.36 -33.65
CA SER O 20 34.46 -59.95 -33.88
C SER O 20 33.69 -59.73 -35.19
N GLU O 21 32.62 -60.51 -35.33
CA GLU O 21 31.74 -60.47 -36.49
C GLU O 21 30.89 -59.21 -36.47
N LYS O 22 29.62 -59.37 -36.08
CA LYS O 22 28.67 -58.26 -36.01
C LYS O 22 29.17 -57.17 -35.06
N LEU O 23 29.31 -55.95 -35.58
CA LEU O 23 29.77 -54.79 -34.80
C LEU O 23 29.56 -54.86 -33.30
N ILE O 24 28.40 -55.39 -32.91
CA ILE O 24 28.08 -55.51 -31.50
C ILE O 24 27.97 -56.97 -31.09
N SER O 25 29.10 -57.55 -30.70
CA SER O 25 29.15 -58.94 -30.26
C SER O 25 28.09 -59.09 -29.18
N ASP O 26 27.56 -60.30 -29.07
CA ASP O 26 26.54 -60.58 -28.06
C ASP O 26 27.05 -60.23 -26.66
N GLU O 27 28.35 -59.97 -26.57
CA GLU O 27 28.97 -59.59 -25.31
C GLU O 27 28.43 -58.22 -24.94
N LEU O 28 28.74 -57.23 -25.77
CA LEU O 28 28.30 -55.86 -25.55
C LEU O 28 26.80 -55.86 -25.32
N ALA O 29 26.13 -56.90 -25.82
CA ALA O 29 24.70 -56.99 -25.66
C ALA O 29 24.31 -56.92 -24.18
N ALA O 30 24.95 -57.75 -23.36
CA ALA O 30 24.67 -57.81 -21.92
C ALA O 30 24.76 -56.45 -21.25
N LEU O 31 25.53 -55.55 -21.87
CA LEU O 31 25.75 -54.21 -21.34
C LEU O 31 24.68 -53.16 -21.63
N PHE O 32 24.12 -53.16 -22.84
CA PHE O 32 23.14 -52.17 -23.23
C PHE O 32 21.73 -52.31 -22.68
N ASP O 33 21.03 -51.18 -22.66
CA ASP O 33 19.65 -51.10 -22.20
C ASP O 33 18.77 -51.91 -23.14
N ALA O 34 17.57 -52.25 -22.69
CA ALA O 34 16.63 -53.03 -23.50
C ALA O 34 16.40 -52.47 -24.91
N LYS O 35 16.17 -51.17 -25.00
CA LYS O 35 15.93 -50.54 -26.30
C LYS O 35 17.06 -50.79 -27.28
N THR O 36 18.29 -50.61 -26.83
CA THR O 36 19.43 -50.83 -27.70
C THR O 36 19.53 -52.31 -28.05
N ARG O 37 19.46 -53.18 -27.05
CA ARG O 37 19.54 -54.64 -27.24
C ARG O 37 18.49 -55.07 -28.24
N ARG O 38 17.34 -54.44 -28.14
CA ARG O 38 16.21 -54.70 -29.02
C ARG O 38 16.72 -54.57 -30.45
N ARG O 39 17.11 -53.35 -30.79
CA ARG O 39 17.61 -53.05 -32.12
C ARG O 39 18.66 -54.01 -32.67
N VAL O 40 19.77 -54.15 -31.98
CA VAL O 40 20.82 -55.03 -32.44
C VAL O 40 20.35 -56.46 -32.60
N LYS O 41 19.66 -56.96 -31.60
CA LYS O 41 19.15 -58.33 -31.64
C LYS O 41 18.07 -58.46 -32.70
N ARG O 42 17.60 -57.32 -33.18
CA ARG O 42 16.54 -57.31 -34.18
C ARG O 42 17.09 -57.28 -35.62
N GLY O 43 17.56 -56.10 -36.04
CA GLY O 43 18.09 -55.96 -37.39
C GLY O 43 18.82 -54.65 -37.57
N ILE O 44 20.11 -54.68 -37.30
CA ILE O 44 20.98 -53.52 -37.44
C ILE O 44 21.53 -53.52 -38.86
N SER O 45 21.74 -52.34 -39.43
CA SER O 45 22.23 -52.20 -40.80
C SER O 45 23.73 -52.40 -40.98
N GLU O 46 24.13 -52.66 -42.22
CA GLU O 46 25.53 -52.88 -42.55
C GLU O 46 26.25 -51.57 -42.76
N LYS O 47 25.55 -50.57 -43.30
CA LYS O 47 26.17 -49.29 -43.51
C LYS O 47 26.82 -48.89 -42.20
N TYR O 48 26.13 -49.14 -41.09
CA TYR O 48 26.66 -48.84 -39.78
C TYR O 48 28.02 -49.49 -39.54
N ALA O 49 28.41 -50.38 -40.44
CA ALA O 49 29.68 -51.09 -40.27
C ALA O 49 30.80 -50.47 -41.07
N LYS O 50 30.47 -49.90 -42.22
CA LYS O 50 31.49 -49.29 -43.05
C LYS O 50 31.77 -47.91 -42.46
N PHE O 51 30.82 -47.39 -41.71
CA PHE O 51 30.99 -46.10 -41.08
C PHE O 51 31.97 -46.33 -39.96
N VAL O 52 31.83 -47.49 -39.34
CA VAL O 52 32.68 -47.88 -38.25
C VAL O 52 34.14 -47.74 -38.67
N ASN O 53 34.50 -48.47 -39.71
CA ASN O 53 35.86 -48.47 -40.20
C ASN O 53 36.36 -47.09 -40.59
N LYS O 54 35.45 -46.21 -40.98
CA LYS O 54 35.83 -44.85 -41.36
C LYS O 54 36.40 -44.08 -40.19
N VAL O 55 35.94 -44.39 -38.99
CA VAL O 55 36.46 -43.75 -37.80
C VAL O 55 37.83 -44.38 -37.54
N ARG O 56 37.88 -45.70 -37.71
CA ARG O 56 39.08 -46.51 -37.50
C ARG O 56 40.32 -45.86 -38.08
N ARG O 57 40.27 -45.59 -39.38
CA ARG O 57 41.39 -44.98 -40.07
C ARG O 57 41.68 -43.60 -39.51
N SER O 58 40.64 -42.89 -39.10
CA SER O 58 40.81 -41.56 -38.55
C SER O 58 41.57 -41.59 -37.23
N LYS O 59 41.33 -42.61 -36.43
CA LYS O 59 41.98 -42.72 -35.12
C LYS O 59 43.46 -43.08 -35.12
N GLU O 60 43.90 -43.85 -36.11
CA GLU O 60 45.30 -44.26 -36.17
C GLU O 60 46.18 -43.34 -37.00
N LYS O 61 45.88 -43.24 -38.30
CA LYS O 61 46.65 -42.41 -39.21
C LYS O 61 47.02 -41.06 -38.60
N CYS O 62 46.08 -40.46 -37.86
CA CYS O 62 46.35 -39.17 -37.24
C CYS O 62 47.48 -39.28 -36.22
N PRO O 63 48.46 -38.38 -36.31
CA PRO O 63 49.59 -38.42 -35.37
C PRO O 63 49.11 -38.07 -33.97
N ALA O 64 49.94 -38.30 -32.97
CA ALA O 64 49.58 -37.99 -31.58
C ALA O 64 49.38 -36.49 -31.46
N GLY O 65 49.39 -35.81 -32.61
CA GLY O 65 49.18 -34.37 -32.64
C GLY O 65 47.71 -34.10 -32.42
N GLU O 66 47.04 -35.09 -31.83
CA GLU O 66 45.61 -35.06 -31.50
C GLU O 66 44.71 -34.30 -32.46
N LYS O 67 44.92 -34.54 -33.75
CA LYS O 67 44.12 -33.90 -34.78
C LYS O 67 43.36 -34.95 -35.61
N PRO O 68 42.23 -35.47 -35.08
CA PRO O 68 41.43 -36.48 -35.79
C PRO O 68 40.69 -35.97 -37.04
N VAL O 69 40.61 -36.82 -38.06
CA VAL O 69 39.92 -36.46 -39.31
C VAL O 69 38.43 -36.62 -39.06
N PRO O 70 37.69 -35.52 -38.98
CA PRO O 70 36.25 -35.64 -38.73
C PRO O 70 35.53 -36.54 -39.75
N VAL O 71 34.81 -37.53 -39.23
CA VAL O 71 34.04 -38.46 -40.06
C VAL O 71 32.60 -37.93 -40.11
N LYS O 72 32.06 -37.75 -41.31
CA LYS O 72 30.70 -37.19 -41.45
C LYS O 72 29.61 -38.23 -41.62
N THR O 73 28.48 -38.05 -40.93
CA THR O 73 27.40 -39.02 -41.06
C THR O 73 26.01 -38.50 -40.71
N HIS O 74 25.00 -39.16 -41.26
CA HIS O 74 23.60 -38.83 -41.00
C HIS O 74 23.03 -39.92 -40.13
N TYR O 75 23.83 -40.96 -39.89
CA TYR O 75 23.40 -42.09 -39.08
C TYR O 75 23.19 -41.72 -37.62
N ARG O 76 22.41 -40.67 -37.38
CA ARG O 76 22.11 -40.21 -36.03
C ARG O 76 21.49 -41.30 -35.19
N SER O 77 21.04 -42.36 -35.85
CA SER O 77 20.42 -43.48 -35.14
C SER O 77 21.44 -44.48 -34.59
N MET O 78 22.71 -44.27 -34.90
CA MET O 78 23.76 -45.16 -34.41
C MET O 78 24.01 -45.03 -32.91
N ILE O 79 24.18 -46.17 -32.25
CA ILE O 79 24.46 -46.21 -30.82
C ILE O 79 25.97 -46.42 -30.66
N VAL O 80 26.66 -45.42 -30.15
CA VAL O 80 28.10 -45.47 -29.99
C VAL O 80 28.63 -46.82 -29.54
N ILE O 81 29.59 -47.35 -30.30
CA ILE O 81 30.22 -48.62 -29.98
C ILE O 81 31.54 -48.32 -29.26
N PRO O 82 31.95 -49.19 -28.32
CA PRO O 82 33.19 -48.97 -27.57
C PRO O 82 34.36 -48.44 -28.38
N GLU O 83 34.68 -49.10 -29.48
CA GLU O 83 35.79 -48.70 -30.33
C GLU O 83 35.56 -47.35 -30.99
N LEU O 84 34.36 -46.79 -30.81
CA LEU O 84 34.01 -45.50 -31.39
C LEU O 84 34.42 -44.32 -30.54
N VAL O 85 35.02 -44.62 -29.40
CA VAL O 85 35.44 -43.59 -28.46
C VAL O 85 36.78 -43.00 -28.88
N GLY O 86 36.90 -41.68 -28.77
CA GLY O 86 38.16 -41.03 -29.12
C GLY O 86 38.12 -40.28 -30.44
N GLY O 87 37.28 -40.72 -31.35
CA GLY O 87 37.19 -40.06 -32.63
C GLY O 87 36.18 -38.93 -32.63
N ILE O 88 36.36 -37.96 -33.51
CA ILE O 88 35.43 -36.84 -33.60
C ILE O 88 34.59 -37.02 -34.86
N VAL O 89 33.34 -37.40 -34.66
CA VAL O 89 32.45 -37.60 -35.79
C VAL O 89 31.54 -36.40 -36.00
N GLY O 90 31.41 -36.02 -37.27
CA GLY O 90 30.56 -34.91 -37.62
C GLY O 90 29.19 -35.50 -37.90
N VAL O 91 28.20 -35.09 -37.12
CA VAL O 91 26.86 -35.60 -37.29
C VAL O 91 25.93 -34.50 -37.75
N TYR O 92 25.13 -34.82 -38.75
CA TYR O 92 24.18 -33.88 -39.31
C TYR O 92 23.03 -33.76 -38.34
N ASN O 93 22.39 -32.60 -38.30
CA ASN O 93 21.26 -32.38 -37.40
C ASN O 93 20.04 -31.90 -38.19
N GLY O 94 20.29 -30.93 -39.05
CA GLY O 94 19.24 -30.37 -39.87
C GLY O 94 19.89 -29.37 -40.80
N LYS O 95 20.81 -28.58 -40.26
CA LYS O 95 21.51 -27.57 -41.05
C LYS O 95 22.86 -28.08 -41.54
N GLU O 96 23.78 -28.36 -40.62
CA GLU O 96 25.11 -28.83 -41.01
C GLU O 96 25.55 -30.05 -40.21
N PHE O 97 26.86 -30.30 -40.21
CA PHE O 97 27.43 -31.42 -39.48
C PHE O 97 27.97 -30.96 -38.15
N VAL O 98 27.79 -31.79 -37.14
CA VAL O 98 28.26 -31.44 -35.81
C VAL O 98 29.47 -32.29 -35.45
N ASN O 99 30.53 -31.64 -35.01
CA ASN O 99 31.72 -32.37 -34.60
C ASN O 99 31.64 -32.59 -33.10
N VAL O 100 31.73 -33.85 -32.70
CA VAL O 100 31.67 -34.20 -31.29
C VAL O 100 32.78 -35.19 -30.93
N GLU O 101 33.52 -34.86 -29.88
CA GLU O 101 34.61 -35.72 -29.42
C GLU O 101 33.96 -36.79 -28.59
N VAL O 102 34.12 -38.04 -29.01
CA VAL O 102 33.50 -39.16 -28.32
C VAL O 102 34.25 -39.56 -27.04
N LYS O 103 33.57 -39.40 -25.90
CA LYS O 103 34.13 -39.74 -24.59
C LYS O 103 33.63 -41.15 -24.25
N PHE O 104 34.27 -41.76 -23.26
CA PHE O 104 33.87 -43.09 -22.87
C PHE O 104 32.41 -43.14 -22.43
N ASP O 105 31.95 -42.07 -21.79
CA ASP O 105 30.58 -41.99 -21.26
C ASP O 105 29.42 -42.05 -22.23
N MET O 106 29.65 -41.61 -23.46
CA MET O 106 28.56 -41.57 -24.43
C MET O 106 28.31 -42.87 -25.18
N ILE O 107 28.69 -43.99 -24.57
CA ILE O 107 28.48 -45.27 -25.22
C ILE O 107 27.13 -45.82 -24.80
N GLY O 108 26.52 -46.65 -25.64
CA GLY O 108 25.24 -47.22 -25.32
C GLY O 108 24.15 -46.19 -25.49
N LYS O 109 24.59 -44.98 -25.79
CA LYS O 109 23.70 -43.85 -26.01
C LYS O 109 23.67 -43.54 -27.50
N TYR O 110 22.54 -43.02 -27.98
CA TYR O 110 22.38 -42.71 -29.39
C TYR O 110 23.22 -41.53 -29.85
N LEU O 111 24.01 -41.81 -30.88
CA LEU O 111 24.90 -40.84 -31.51
C LEU O 111 24.18 -39.53 -31.77
N ALA O 112 22.86 -39.59 -31.89
CA ALA O 112 22.05 -38.40 -32.14
C ALA O 112 21.93 -37.50 -30.92
N GLU O 113 22.06 -38.10 -29.74
CA GLU O 113 21.94 -37.37 -28.49
C GLU O 113 22.88 -36.19 -28.30
N PHE O 114 23.73 -35.90 -29.27
CA PHE O 114 24.69 -34.81 -29.12
C PHE O 114 24.59 -33.78 -30.22
N ALA O 115 24.05 -34.20 -31.36
CA ALA O 115 23.87 -33.31 -32.50
C ALA O 115 22.57 -32.55 -32.27
N MET O 116 22.68 -31.43 -31.56
CA MET O 116 21.53 -30.60 -31.26
C MET O 116 20.74 -30.36 -32.54
N THR O 117 19.46 -30.73 -32.52
CA THR O 117 18.58 -30.61 -33.66
C THR O 117 17.80 -29.32 -33.74
N TYR O 118 17.94 -28.48 -32.73
CA TYR O 118 17.21 -27.23 -32.70
C TYR O 118 17.83 -26.32 -31.65
N LYS O 119 17.86 -25.03 -31.92
CA LYS O 119 18.39 -24.09 -30.95
C LYS O 119 17.26 -23.65 -30.03
N PRO O 120 17.27 -24.09 -28.76
CA PRO O 120 16.21 -23.71 -27.83
C PRO O 120 15.99 -22.19 -27.83
N THR O 121 15.05 -21.71 -27.02
CA THR O 121 14.73 -20.29 -27.05
C THR O 121 15.24 -19.24 -26.08
N THR O 122 15.74 -18.15 -26.66
CA THR O 122 16.22 -16.98 -25.91
C THR O 122 14.92 -16.17 -25.92
N HIS O 123 14.90 -14.95 -25.40
CA HIS O 123 13.66 -14.18 -25.43
C HIS O 123 13.74 -12.67 -25.32
N GLY O 124 12.57 -12.05 -25.50
CA GLY O 124 12.44 -10.61 -25.43
C GLY O 124 11.37 -10.17 -26.42
N LYS O 125 10.77 -9.00 -26.17
CA LYS O 125 9.73 -8.47 -27.04
C LYS O 125 9.47 -7.00 -26.72
N ILE X 1 -22.90 12.03 70.22
CA ILE X 1 -22.48 12.68 68.98
C ILE X 1 -21.60 13.89 69.24
N THR X 2 -20.39 13.65 69.75
CA THR X 2 -19.45 14.71 70.10
C THR X 2 -20.19 16.02 70.35
N SER X 3 -21.01 16.03 71.38
CA SER X 3 -21.80 17.20 71.74
C SER X 3 -21.89 17.33 73.26
N SER X 4 -22.63 18.33 73.72
CA SER X 4 -22.80 18.57 75.14
C SER X 4 -23.16 17.27 75.85
N GLN X 5 -24.03 16.49 75.21
CA GLN X 5 -24.60 15.29 75.79
C GLN X 5 -23.58 14.20 76.21
N VAL X 6 -22.30 14.45 75.95
CA VAL X 6 -21.27 13.52 76.36
C VAL X 6 -21.35 13.28 77.87
N ARG X 7 -21.58 14.35 78.61
CA ARG X 7 -21.74 14.25 80.06
C ARG X 7 -23.15 13.85 80.42
N GLU X 8 -23.95 13.52 79.40
CA GLU X 8 -25.25 12.91 79.64
C GLU X 8 -25.06 11.40 79.52
N HIS X 9 -24.05 11.01 78.75
CA HIS X 9 -23.62 9.62 78.70
C HIS X 9 -22.72 9.31 79.89
N VAL X 10 -22.15 10.36 80.47
CA VAL X 10 -21.25 10.22 81.62
C VAL X 10 -21.88 10.67 82.93
N LYS X 11 -21.95 11.99 83.14
CA LYS X 11 -22.46 12.55 84.39
C LYS X 11 -23.91 12.14 84.67
N GLU X 12 -24.81 12.47 83.74
CA GLU X 12 -26.22 12.13 83.88
C GLU X 12 -26.41 10.61 83.80
N LEU X 13 -25.43 9.93 83.21
CA LEU X 13 -25.46 8.48 83.13
C LEU X 13 -24.32 7.89 83.96
N LEU X 14 -24.52 7.88 85.27
CA LEU X 14 -23.51 7.36 86.20
C LEU X 14 -24.13 6.85 87.49
N LYS X 15 -25.46 6.93 87.57
CA LYS X 15 -26.20 6.47 88.75
C LYS X 15 -27.62 6.07 88.37
N TYR X 16 -27.76 5.44 87.21
CA TYR X 16 -29.06 5.06 86.69
C TYR X 16 -29.65 3.88 87.46
N SER X 17 -28.85 2.83 87.64
CA SER X 17 -29.29 1.65 88.36
C SER X 17 -30.61 1.09 87.82
N ASN X 18 -31.28 0.29 88.63
CA ASN X 18 -32.56 -0.31 88.24
C ASN X 18 -33.34 -0.81 89.44
N GLU X 19 -33.23 -0.12 90.57
CA GLU X 19 -33.92 -0.53 91.79
C GLU X 19 -34.06 0.59 92.82
N THR X 20 -33.32 0.48 93.93
CA THR X 20 -33.48 1.40 95.05
C THR X 20 -32.34 2.42 95.16
N LYS X 21 -31.77 2.54 96.36
CA LYS X 21 -30.75 3.54 96.65
C LYS X 21 -29.63 3.59 95.62
N LYS X 22 -28.59 2.78 95.82
CA LYS X 22 -27.45 2.72 94.90
C LYS X 22 -26.45 1.63 95.25
N ARG X 23 -26.88 0.65 96.05
CA ARG X 23 -26.09 -0.53 96.40
C ARG X 23 -25.17 -0.34 97.61
N ASN X 24 -24.04 -1.04 97.60
CA ASN X 24 -23.08 -0.97 98.72
C ASN X 24 -21.70 -1.57 98.36
N PHE X 25 -21.49 -1.89 97.09
CA PHE X 25 -20.22 -2.46 96.64
C PHE X 25 -19.56 -1.62 95.55
N LEU X 26 -18.32 -1.97 95.20
CA LEU X 26 -17.52 -1.17 94.27
C LEU X 26 -18.18 -0.96 92.90
N GLU X 27 -17.59 -0.08 92.10
CA GLU X 27 -18.14 0.27 90.79
C GLU X 27 -17.31 -0.27 89.62
N THR X 28 -17.76 -0.02 88.40
CA THR X 28 -17.07 -0.52 87.21
C THR X 28 -17.54 0.18 85.93
N VAL X 29 -16.87 1.27 85.55
CA VAL X 29 -17.22 2.04 84.37
C VAL X 29 -16.12 2.02 83.32
N GLU X 30 -16.40 2.63 82.16
CA GLU X 30 -15.42 2.71 81.07
C GLU X 30 -15.88 3.67 79.98
N LEU X 31 -15.44 3.42 78.75
CA LEU X 31 -15.80 4.27 77.62
C LEU X 31 -15.51 3.56 76.30
N GLN X 32 -16.56 3.02 75.70
CA GLN X 32 -16.40 2.15 74.53
C GLN X 32 -15.99 2.89 73.26
N VAL X 33 -15.28 2.19 72.39
CA VAL X 33 -14.83 2.73 71.11
C VAL X 33 -14.34 1.60 70.18
N GLY X 34 -13.07 1.65 69.79
CA GLY X 34 -12.52 0.64 68.88
C GLY X 34 -11.00 0.64 68.77
N LEU X 35 -10.51 0.34 67.56
CA LEU X 35 -9.07 0.26 67.32
C LEU X 35 -8.62 1.13 66.14
N LYS X 36 -9.44 1.14 65.09
CA LYS X 36 -9.20 1.96 63.90
C LYS X 36 -10.10 1.51 62.74
N ASN X 37 -10.60 0.29 62.84
CA ASN X 37 -11.50 -0.28 61.83
C ASN X 37 -10.86 -0.34 60.45
N TYR X 38 -9.56 -0.11 60.38
CA TYR X 38 -8.84 -0.13 59.12
C TYR X 38 -8.92 -1.50 58.47
N ASP X 39 -7.99 -2.38 58.83
CA ASP X 39 -7.95 -3.73 58.30
C ASP X 39 -6.91 -4.57 59.03
N PRO X 40 -6.45 -4.06 60.18
CA PRO X 40 -5.46 -4.76 60.99
C PRO X 40 -4.22 -5.13 60.19
N GLN X 41 -3.62 -4.15 59.52
CA GLN X 41 -2.44 -4.39 58.70
C GLN X 41 -1.77 -3.09 58.25
N ARG X 42 -2.21 -2.58 57.11
CA ARG X 42 -1.60 -1.40 56.49
C ARG X 42 -1.30 -0.30 57.51
N ASP X 43 -2.35 0.38 57.97
CA ASP X 43 -2.20 1.47 58.92
C ASP X 43 -3.44 1.63 59.79
N LYS X 44 -3.24 1.75 61.10
CA LYS X 44 -4.35 1.89 62.04
C LYS X 44 -3.89 2.22 63.46
N ARG X 45 -2.58 2.08 63.70
CA ARG X 45 -2.02 2.32 65.04
C ARG X 45 -0.50 2.59 65.04
N PHE X 46 0.05 2.82 66.23
CA PHE X 46 1.47 3.14 66.37
C PHE X 46 1.94 2.97 67.82
N SER X 47 2.03 4.07 68.55
CA SER X 47 2.48 4.04 69.94
C SER X 47 2.04 5.28 70.72
N GLY X 48 1.79 5.09 72.01
CA GLY X 48 1.35 6.15 72.89
C GLY X 48 0.06 5.81 73.62
N SER X 49 0.10 5.85 74.95
CA SER X 49 -1.07 5.53 75.77
C SER X 49 -1.96 6.75 75.97
N LEU X 50 -3.14 6.53 76.55
CA LEU X 50 -4.11 7.63 76.72
C LEU X 50 -4.01 8.35 78.07
N LYS X 51 -4.49 7.78 79.17
CA LYS X 51 -5.23 6.52 79.23
C LYS X 51 -6.63 6.86 79.72
N LEU X 52 -7.61 5.95 79.73
CA LEU X 52 -7.54 4.52 79.40
C LEU X 52 -7.10 3.65 80.57
N PRO X 53 -6.17 2.72 80.31
CA PRO X 53 -5.65 1.81 81.33
C PRO X 53 -6.61 0.66 81.65
N ASN X 54 -6.17 -0.55 81.35
CA ASN X 54 -6.93 -1.76 81.63
C ASN X 54 -6.11 -3.00 81.30
N CYS X 55 -6.78 -4.03 80.77
CA CYS X 55 -6.10 -5.26 80.38
C CYS X 55 -7.05 -6.19 79.64
N PRO X 56 -7.43 -7.28 80.30
CA PRO X 56 -8.25 -8.32 79.66
C PRO X 56 -9.74 -8.05 79.79
N ARG X 57 -10.28 -8.37 80.97
CA ARG X 57 -11.73 -8.37 81.25
C ARG X 57 -12.29 -9.78 81.12
N PRO X 58 -11.72 -10.55 80.21
CA PRO X 58 -12.12 -11.95 80.00
C PRO X 58 -11.27 -12.60 78.92
N ASN X 59 -10.39 -13.52 79.32
CA ASN X 59 -9.53 -14.25 78.39
C ASN X 59 -8.57 -13.33 77.64
N MET X 60 -7.55 -13.91 77.01
CA MET X 60 -6.55 -13.12 76.30
C MET X 60 -5.79 -13.92 75.23
N SER X 61 -6.07 -15.21 75.13
CA SER X 61 -5.45 -16.04 74.09
C SER X 61 -5.65 -15.37 72.74
N ILE X 62 -4.54 -14.91 72.14
CA ILE X 62 -4.60 -14.14 70.90
C ILE X 62 -4.02 -14.88 69.68
N CYS X 63 -2.77 -14.59 69.35
CA CYS X 63 -2.13 -15.18 68.18
C CYS X 63 -0.60 -15.03 68.17
N ILE X 64 0.11 -16.15 68.00
CA ILE X 64 1.55 -16.14 67.90
C ILE X 64 2.09 -17.52 67.49
N PHE X 65 2.64 -17.60 66.29
CA PHE X 65 3.17 -18.86 65.77
C PHE X 65 3.86 -18.69 64.42
N GLY X 66 4.65 -19.69 64.05
CA GLY X 66 5.37 -19.66 62.79
C GLY X 66 6.18 -20.93 62.58
N ASP X 67 7.16 -21.17 63.46
CA ASP X 67 8.01 -22.35 63.38
C ASP X 67 7.87 -23.22 64.64
N ALA X 68 8.65 -24.29 64.70
CA ALA X 68 8.63 -25.19 65.85
C ALA X 68 9.08 -24.46 67.10
N PHE X 69 9.61 -23.26 66.92
CA PHE X 69 10.08 -22.44 68.03
C PHE X 69 9.03 -21.42 68.45
N ASP X 70 7.92 -21.37 67.71
CA ASP X 70 6.85 -20.43 68.01
C ASP X 70 5.86 -21.01 69.02
N VAL X 71 5.96 -22.33 69.22
CA VAL X 71 5.13 -23.02 70.21
C VAL X 71 5.53 -22.58 71.61
N ASP X 72 6.83 -22.64 71.88
CA ASP X 72 7.36 -22.16 73.15
C ASP X 72 7.14 -20.66 73.23
N ARG X 73 6.79 -20.06 72.10
CA ARG X 73 6.37 -18.67 72.04
C ARG X 73 4.88 -18.61 72.31
N ALA X 74 4.39 -19.58 73.07
CA ALA X 74 2.98 -19.66 73.44
C ALA X 74 2.77 -20.79 74.46
N LYS X 75 3.83 -21.14 75.18
CA LYS X 75 3.79 -22.25 76.14
C LYS X 75 3.65 -21.77 77.58
N SER X 76 4.53 -20.87 78.01
CA SER X 76 4.46 -20.31 79.35
C SER X 76 3.38 -19.24 79.43
N CYS X 77 2.45 -19.28 78.48
CA CYS X 77 1.34 -18.34 78.43
C CYS X 77 0.09 -19.00 77.86
N GLY X 78 -0.19 -18.77 76.59
CA GLY X 78 -1.34 -19.37 75.92
C GLY X 78 -1.79 -18.65 74.66
N VAL X 79 -1.58 -19.30 73.51
CA VAL X 79 -1.93 -18.70 72.23
C VAL X 79 -2.39 -19.74 71.20
N ASP X 80 -2.42 -19.33 69.93
CA ASP X 80 -2.89 -20.19 68.85
C ASP X 80 -1.73 -20.75 68.02
N ALA X 81 -2.02 -21.73 67.17
CA ALA X 81 -0.99 -22.41 66.41
C ALA X 81 -1.11 -22.17 64.90
N MET X 82 0.04 -21.94 64.27
CA MET X 82 0.10 -21.70 62.82
C MET X 82 0.49 -22.98 62.09
N SER X 83 1.02 -23.92 62.85
CA SER X 83 1.45 -25.21 62.31
C SER X 83 2.66 -25.06 61.40
N VAL X 84 3.31 -26.18 61.11
CA VAL X 84 4.45 -26.21 60.21
C VAL X 84 4.05 -26.73 58.84
N ASP X 85 3.59 -27.98 58.79
CA ASP X 85 3.14 -28.60 57.56
C ASP X 85 1.69 -28.26 57.27
N ASP X 86 1.39 -26.96 57.18
CA ASP X 86 0.04 -26.48 56.90
C ASP X 86 0.04 -25.27 55.99
N LEU X 87 1.15 -24.52 55.98
CA LEU X 87 1.27 -23.36 55.11
C LEU X 87 1.44 -23.78 53.65
N LYS X 88 1.40 -25.09 53.43
CA LYS X 88 1.48 -25.65 52.08
C LYS X 88 0.29 -26.55 51.82
N LYS X 89 -0.78 -26.36 52.59
CA LYS X 89 -1.97 -27.18 52.47
C LYS X 89 -3.20 -26.54 53.13
N LEU X 90 -3.08 -26.22 54.42
CA LEU X 90 -4.18 -25.67 55.19
C LEU X 90 -3.74 -25.01 56.50
N ASN X 91 -3.14 -23.83 56.39
CA ASN X 91 -2.85 -23.01 57.56
C ASN X 91 -3.43 -21.63 57.32
N LYS X 92 -4.25 -21.52 56.28
CA LYS X 92 -4.84 -20.26 55.87
C LYS X 92 -5.79 -20.43 54.68
N ASN X 93 -6.91 -19.70 54.71
CA ASN X 93 -7.88 -19.71 53.62
C ASN X 93 -9.09 -18.87 53.97
N LYS X 94 -9.79 -19.25 55.03
CA LYS X 94 -10.96 -18.53 55.51
C LYS X 94 -11.20 -18.81 57.00
N LYS X 95 -11.49 -20.06 57.32
CA LYS X 95 -11.62 -20.48 58.72
C LYS X 95 -10.30 -21.06 59.21
N LEU X 96 -9.29 -21.00 58.34
CA LEU X 96 -7.97 -21.53 58.64
C LEU X 96 -7.05 -20.45 59.20
N ILE X 97 -6.60 -19.55 58.33
CA ILE X 97 -5.77 -18.43 58.78
C ILE X 97 -6.46 -17.77 59.97
N LYS X 98 -7.79 -17.78 59.93
CA LYS X 98 -8.60 -17.35 61.06
C LYS X 98 -8.07 -18.03 62.31
N LYS X 99 -8.40 -19.31 62.46
CA LYS X 99 -7.96 -20.11 63.60
C LYS X 99 -6.76 -19.53 64.35
N LEU X 100 -5.63 -19.39 63.65
CA LEU X 100 -4.39 -18.93 64.27
C LEU X 100 -4.39 -17.43 64.53
N SER X 101 -5.03 -16.67 63.64
CA SER X 101 -5.04 -15.22 63.76
C SER X 101 -6.39 -14.67 64.21
N LYS X 102 -7.33 -15.57 64.47
CA LYS X 102 -8.70 -15.17 64.83
C LYS X 102 -9.05 -15.56 66.26
N LYS X 103 -8.76 -14.67 67.20
CA LYS X 103 -9.07 -14.91 68.62
C LYS X 103 -9.94 -13.80 69.20
N TYR X 104 -9.31 -12.69 69.55
CA TYR X 104 -10.01 -11.54 70.09
C TYR X 104 -9.09 -10.33 70.10
N ASN X 105 -7.90 -10.51 70.64
CA ASN X 105 -6.92 -9.45 70.76
C ASN X 105 -6.41 -9.00 69.40
N ALA X 106 -5.47 -9.76 68.84
CA ALA X 106 -4.88 -9.44 67.55
C ALA X 106 -3.83 -10.48 67.14
N PHE X 107 -2.56 -10.14 67.32
CA PHE X 107 -1.46 -11.03 66.98
C PHE X 107 -0.15 -10.52 67.58
N ILE X 108 0.74 -11.45 67.92
CA ILE X 108 2.03 -11.10 68.52
C ILE X 108 3.13 -12.07 68.10
N ALA X 109 2.96 -12.70 66.94
CA ALA X 109 3.95 -13.63 66.41
C ALA X 109 5.04 -12.87 65.67
N SER X 110 5.85 -13.62 64.90
CA SER X 110 6.92 -13.03 64.12
C SER X 110 6.60 -13.04 62.62
N GLU X 111 7.62 -13.25 61.80
CA GLU X 111 7.46 -13.22 60.35
C GLU X 111 8.24 -14.31 59.62
N VAL X 112 7.65 -14.80 58.53
CA VAL X 112 8.25 -15.84 57.70
C VAL X 112 7.21 -16.33 56.68
N LEU X 113 7.33 -15.86 55.44
CA LEU X 113 6.32 -16.14 54.42
C LEU X 113 6.86 -16.46 53.03
N ILE X 114 7.71 -15.57 52.51
CA ILE X 114 8.25 -15.69 51.15
C ILE X 114 7.24 -15.22 50.10
N LYS X 115 7.03 -16.01 49.06
CA LYS X 115 6.16 -15.62 47.96
C LYS X 115 4.70 -16.02 48.15
N GLN X 116 4.26 -16.11 49.40
CA GLN X 116 2.90 -16.53 49.70
C GLN X 116 2.23 -15.67 50.76
N VAL X 117 1.43 -14.71 50.32
CA VAL X 117 0.68 -13.83 51.24
C VAL X 117 -0.23 -12.82 50.53
N PRO X 118 -0.49 -13.04 49.24
CA PRO X 118 -1.34 -12.14 48.47
C PRO X 118 -2.76 -12.68 48.35
N ARG X 119 -2.99 -13.84 48.96
CA ARG X 119 -4.30 -14.49 48.97
C ARG X 119 -4.27 -15.85 49.66
N LEU X 120 -3.78 -15.87 50.90
CA LEU X 120 -3.70 -17.11 51.68
C LEU X 120 -3.33 -16.87 53.14
N LEU X 121 -2.09 -17.16 53.49
CA LEU X 121 -1.61 -17.03 54.87
C LEU X 121 -1.73 -15.60 55.38
N GLY X 122 -0.67 -14.82 55.17
CA GLY X 122 -0.63 -13.45 55.63
C GLY X 122 -1.83 -12.65 55.17
N PRO X 123 -2.29 -12.94 53.96
CA PRO X 123 -3.44 -12.24 53.39
C PRO X 123 -4.71 -12.52 54.19
N GLN X 124 -5.48 -13.51 53.75
CA GLN X 124 -6.77 -13.84 54.34
C GLN X 124 -6.71 -13.93 55.87
N LEU X 125 -6.89 -12.79 56.53
CA LEU X 125 -6.88 -12.71 57.99
C LEU X 125 -6.87 -11.27 58.47
N SER X 126 -6.34 -10.39 57.63
CA SER X 126 -6.16 -8.97 57.98
C SER X 126 -7.33 -8.39 58.76
N LYS X 127 -8.28 -7.79 58.05
CA LYS X 127 -9.44 -7.16 58.67
C LYS X 127 -10.26 -8.19 59.44
N ALA X 128 -9.96 -9.47 59.23
CA ALA X 128 -10.59 -10.52 60.00
C ALA X 128 -10.20 -10.37 61.47
N GLY X 129 -8.92 -10.14 61.71
CA GLY X 129 -8.44 -9.93 63.05
C GLY X 129 -6.94 -10.05 63.25
N LYS X 130 -6.18 -10.03 62.16
CA LYS X 130 -4.71 -10.10 62.23
C LYS X 130 -4.02 -10.10 60.87
N PHE X 131 -2.85 -9.47 60.82
CA PHE X 131 -2.03 -9.45 59.60
C PHE X 131 -0.65 -8.86 59.88
N PRO X 132 0.09 -9.46 60.80
CA PRO X 132 1.45 -9.03 61.12
C PRO X 132 1.51 -7.59 61.66
N THR X 133 1.34 -7.45 62.97
CA THR X 133 1.37 -6.13 63.60
C THR X 133 2.65 -5.91 64.40
N PRO X 134 2.70 -4.82 65.15
CA PRO X 134 3.89 -4.46 65.92
C PRO X 134 3.84 -5.03 67.33
N VAL X 135 4.44 -6.20 67.51
CA VAL X 135 4.49 -6.84 68.83
C VAL X 135 5.93 -7.19 69.20
N SER X 136 6.85 -6.27 68.92
CA SER X 136 8.28 -6.46 69.19
C SER X 136 8.71 -7.91 69.08
N HIS X 137 8.29 -8.57 68.00
CA HIS X 137 8.62 -9.97 67.80
C HIS X 137 10.10 -10.15 67.48
N ASN X 138 10.89 -10.42 68.51
CA ASN X 138 12.33 -10.64 68.35
C ASN X 138 12.88 -11.43 69.53
N ASP X 139 12.48 -11.05 70.75
CA ASP X 139 12.84 -11.80 71.93
C ASP X 139 11.79 -12.87 72.22
N ASP X 140 10.53 -12.56 71.88
CA ASP X 140 9.42 -13.50 71.97
C ASP X 140 8.07 -12.80 71.76
N LEU X 141 7.12 -13.11 72.65
CA LEU X 141 5.79 -12.50 72.60
C LEU X 141 5.21 -12.33 74.01
N TYR X 142 6.04 -11.84 74.92
CA TYR X 142 5.63 -11.64 76.31
C TYR X 142 5.94 -10.23 76.81
N GLY X 143 7.19 -9.79 76.63
CA GLY X 143 7.59 -8.45 77.00
C GLY X 143 6.81 -7.42 76.20
N LYS X 144 6.70 -7.68 74.90
CA LYS X 144 5.86 -6.88 74.03
C LYS X 144 4.41 -7.33 74.18
N VAL X 145 4.20 -8.39 74.94
CA VAL X 145 2.86 -8.82 75.29
C VAL X 145 2.40 -8.05 76.53
N THR X 146 3.20 -7.06 76.93
CA THR X 146 2.73 -6.02 77.82
C THR X 146 1.80 -5.19 76.94
N ASP X 147 2.01 -5.33 75.64
CA ASP X 147 1.10 -4.83 74.62
C ASP X 147 0.33 -6.02 74.06
N VAL X 148 -0.12 -6.90 74.95
CA VAL X 148 -0.87 -8.09 74.55
C VAL X 148 -1.26 -8.98 75.74
N ARG X 149 -1.49 -8.35 76.89
CA ARG X 149 -1.91 -9.07 78.09
C ARG X 149 -2.36 -8.12 79.20
N SER X 150 -1.41 -7.36 79.75
CA SER X 150 -1.71 -6.42 80.82
C SER X 150 -0.83 -5.19 80.75
N THR X 151 -1.40 -4.03 81.07
CA THR X 151 -0.67 -2.76 81.05
C THR X 151 -0.03 -2.46 79.70
N ILE X 152 -0.76 -1.78 78.80
CA ILE X 152 -2.13 -1.30 78.97
C ILE X 152 -2.32 -0.23 80.06
N LYS X 153 -2.65 1.01 79.67
CA LYS X 153 -2.91 1.40 78.29
C LYS X 153 -4.06 0.62 77.65
N PHE X 154 -4.06 0.53 76.33
CA PHE X 154 -5.12 -0.17 75.61
C PHE X 154 -4.75 -0.47 74.16
N GLN X 155 -3.88 -1.46 73.96
CA GLN X 155 -3.51 -1.89 72.62
C GLN X 155 -4.76 -2.29 71.85
N LEU X 156 -5.11 -1.49 70.85
CA LEU X 156 -6.34 -1.71 70.07
C LEU X 156 -6.04 -2.16 68.65
N LYS X 157 -6.16 -3.47 68.41
CA LYS X 157 -5.87 -4.04 67.10
C LYS X 157 -6.88 -5.12 66.69
N LYS X 158 -6.55 -5.84 65.62
CA LYS X 158 -7.40 -6.91 65.11
C LYS X 158 -8.77 -6.40 64.67
N VAL X 159 -9.80 -6.78 65.41
CA VAL X 159 -11.17 -6.35 65.13
C VAL X 159 -11.70 -5.46 66.25
N LEU X 160 -11.74 -4.16 66.01
CA LEU X 160 -12.18 -3.20 67.01
C LEU X 160 -11.36 -3.32 68.29
N CYS X 161 -12.04 -3.30 69.44
CA CYS X 161 -11.42 -3.54 70.74
C CYS X 161 -10.57 -2.39 71.29
N LEU X 162 -10.67 -2.17 72.60
CA LEU X 162 -9.90 -1.16 73.31
C LEU X 162 -10.33 -1.09 74.78
N ALA X 163 -9.97 -0.01 75.47
CA ALA X 163 -10.30 0.11 76.90
C ALA X 163 -10.51 1.55 77.38
N VAL X 164 -10.79 1.72 78.67
CA VAL X 164 -11.05 3.03 79.26
C VAL X 164 -11.21 2.93 80.77
N ALA X 165 -11.01 4.06 81.46
CA ALA X 165 -11.17 4.14 82.91
C ALA X 165 -10.77 5.52 83.44
N VAL X 166 -11.29 5.90 84.61
CA VAL X 166 -10.92 7.17 85.24
C VAL X 166 -11.12 7.14 86.76
N GLY X 167 -12.36 6.93 87.18
CA GLY X 167 -12.69 6.93 88.59
C GLY X 167 -13.36 5.65 89.06
N ASN X 168 -14.12 5.73 90.15
CA ASN X 168 -14.76 4.56 90.73
C ASN X 168 -16.28 4.60 90.63
N VAL X 169 -16.92 5.11 91.67
CA VAL X 169 -18.39 5.15 91.73
C VAL X 169 -18.95 6.46 91.18
N GLU X 170 -18.81 7.54 91.94
CA GLU X 170 -19.35 8.84 91.53
C GLU X 170 -18.50 10.02 91.99
N MET X 171 -17.83 10.66 91.03
CA MET X 171 -17.01 11.84 91.31
C MET X 171 -16.42 12.43 90.02
N GLU X 172 -17.11 12.21 88.90
CA GLU X 172 -16.64 12.70 87.60
C GLU X 172 -17.79 13.19 86.71
N GLU X 173 -17.56 14.28 86.00
CA GLU X 173 -18.56 14.85 85.10
C GLU X 173 -17.95 15.36 83.79
N ASP X 174 -17.53 16.62 83.77
CA ASP X 174 -16.86 17.18 82.61
C ASP X 174 -15.61 16.34 82.33
N VAL X 175 -15.01 15.84 83.40
CA VAL X 175 -13.85 14.96 83.30
C VAL X 175 -14.26 13.50 83.35
N LEU X 176 -15.56 13.24 83.30
CA LEU X 176 -16.07 11.88 83.17
C LEU X 176 -16.19 11.54 81.70
N VAL X 177 -16.90 12.40 80.96
CA VAL X 177 -16.95 12.28 79.51
C VAL X 177 -15.59 12.70 78.98
N ASN X 178 -15.05 13.76 79.57
CA ASN X 178 -13.71 14.21 79.25
C ASN X 178 -12.67 13.28 79.86
N GLN X 179 -13.15 12.26 80.57
CA GLN X 179 -12.29 11.19 81.06
C GLN X 179 -12.36 10.03 80.07
N ILE X 180 -13.49 9.92 79.41
CA ILE X 180 -13.70 8.91 78.37
C ILE X 180 -12.85 9.28 77.16
N LEU X 181 -12.83 10.57 76.85
CA LEU X 181 -11.96 11.06 75.79
C LEU X 181 -10.51 10.83 76.20
N MET X 182 -10.19 11.20 77.44
CA MET X 182 -8.86 10.92 77.99
C MET X 182 -8.60 9.44 77.89
N SER X 183 -9.66 8.65 77.98
CA SER X 183 -9.59 7.22 77.76
C SER X 183 -9.61 6.94 76.27
N VAL X 184 -8.82 7.73 75.54
CA VAL X 184 -8.72 7.63 74.10
C VAL X 184 -7.56 8.51 73.64
N ASN X 185 -6.71 7.96 72.78
CA ASN X 185 -5.54 8.69 72.29
C ASN X 185 -5.23 8.33 70.84
N PHE X 186 -4.24 7.47 70.64
CA PHE X 186 -3.92 6.98 69.30
C PHE X 186 -5.03 6.05 68.84
N PHE X 187 -6.21 6.22 69.45
CA PHE X 187 -7.39 5.46 69.09
C PHE X 187 -8.57 6.39 68.80
N VAL X 188 -8.47 7.64 69.27
CA VAL X 188 -9.45 8.67 68.94
C VAL X 188 -8.89 9.66 67.93
N SER X 189 -7.56 9.82 67.96
CA SER X 189 -6.86 10.69 67.03
C SER X 189 -5.39 10.25 66.88
N LEU X 190 -4.62 10.96 66.07
CA LEU X 190 -3.21 10.63 65.87
C LEU X 190 -2.45 11.68 65.06
N LEU X 191 -1.72 11.22 64.05
CA LEU X 191 -0.89 12.11 63.22
C LEU X 191 -1.73 12.95 62.27
N LYS X 192 -1.36 12.96 61.00
CA LYS X 192 -2.04 13.78 60.00
C LYS X 192 -3.54 13.52 59.97
N LYS X 193 -4.30 14.44 60.54
CA LYS X 193 -5.76 14.35 60.54
C LYS X 193 -6.28 13.04 61.14
N ASN X 194 -7.00 13.13 62.25
CA ASN X 194 -7.55 11.94 62.89
C ASN X 194 -8.51 12.24 64.05
N TRP X 195 -9.08 13.45 64.07
CA TRP X 195 -9.98 13.84 65.16
C TRP X 195 -11.28 13.02 65.18
N GLN X 196 -11.53 12.26 64.11
CA GLN X 196 -12.72 11.43 64.00
C GLN X 196 -12.74 10.59 62.72
N ASN X 197 -13.19 9.34 62.83
CA ASN X 197 -13.26 8.44 61.68
C ASN X 197 -14.16 7.24 61.94
N VAL X 198 -15.45 7.50 62.15
CA VAL X 198 -16.41 6.43 62.45
C VAL X 198 -17.85 6.83 62.15
N GLY X 199 -18.74 6.58 63.10
CA GLY X 199 -20.14 6.91 62.96
C GLY X 199 -20.86 6.97 64.30
N SER X 200 -20.59 5.98 65.16
CA SER X 200 -21.17 5.92 66.49
C SER X 200 -20.45 4.87 67.35
N LEU X 201 -21.11 4.43 68.42
CA LEU X 201 -20.55 3.43 69.31
C LEU X 201 -21.47 3.15 70.49
N VAL X 202 -20.87 2.95 71.66
CA VAL X 202 -21.61 2.67 72.88
C VAL X 202 -20.78 2.99 74.13
N VAL X 203 -21.41 2.87 75.29
CA VAL X 203 -20.73 3.10 76.58
C VAL X 203 -21.72 3.07 77.75
N LYS X 204 -21.19 2.94 78.96
CA LYS X 204 -22.00 2.92 80.18
C LYS X 204 -21.16 2.68 81.44
N SER X 205 -21.25 1.47 81.96
CA SER X 205 -20.56 1.07 83.18
C SER X 205 -21.16 -0.22 83.68
N SER X 206 -22.48 -0.19 83.83
CA SER X 206 -23.26 -1.32 84.31
C SER X 206 -24.70 -0.86 84.42
N MET X 207 -24.87 0.45 84.52
CA MET X 207 -26.17 1.07 84.66
C MET X 207 -27.07 0.80 83.45
N GLY X 208 -27.23 1.83 82.63
CA GLY X 208 -28.05 1.73 81.44
C GLY X 208 -27.63 2.72 80.38
N PRO X 209 -27.10 2.19 79.28
CA PRO X 209 -26.72 3.01 78.13
C PRO X 209 -25.80 4.16 78.50
N ALA X 210 -25.73 5.14 77.60
CA ALA X 210 -24.92 6.34 77.82
C ALA X 210 -25.46 7.46 76.96
N PHE X 211 -24.90 7.62 75.76
CA PHE X 211 -25.39 8.59 74.81
C PHE X 211 -26.58 8.01 74.06
N ARG X 212 -27.70 8.72 74.07
CA ARG X 212 -28.93 8.23 73.43
C ARG X 212 -29.06 8.65 71.97
N LEU X 213 -27.95 9.08 71.37
CA LEU X 213 -27.93 9.49 69.97
C LEU X 213 -28.03 8.30 69.04
N ARG Y 1 47.50 37.90 -17.14
CA ARG Y 1 46.92 37.70 -15.81
C ARG Y 1 46.76 39.01 -15.01
N ARG Y 2 47.91 39.50 -14.53
CA ARG Y 2 48.11 40.84 -13.97
C ARG Y 2 49.52 41.28 -14.32
N PRO Y 3 50.01 40.76 -15.44
CA PRO Y 3 51.35 40.98 -15.92
C PRO Y 3 52.33 40.30 -14.97
N ALA Y 4 53.63 40.35 -15.30
CA ALA Y 4 54.74 39.94 -14.39
C ALA Y 4 55.42 41.12 -13.66
N ARG Y 5 54.63 41.72 -12.77
CA ARG Y 5 55.05 42.79 -11.89
C ARG Y 5 55.17 42.21 -10.48
N CYS Y 6 54.15 41.46 -10.06
CA CYS Y 6 54.30 40.58 -8.92
C CYS Y 6 55.29 39.50 -9.38
N TYR Y 7 56.41 39.99 -9.94
CA TYR Y 7 57.42 39.18 -10.61
C TYR Y 7 58.74 39.12 -9.83
N ARG Y 8 59.81 38.70 -10.50
CA ARG Y 8 61.05 38.23 -9.86
C ARG Y 8 61.79 39.17 -8.88
N TYR Y 9 61.85 38.75 -7.60
CA TYR Y 9 62.48 39.54 -6.53
C TYR Y 9 62.55 38.86 -5.16
N GLN Y 10 61.72 39.36 -4.24
CA GLN Y 10 61.79 38.97 -2.83
C GLN Y 10 60.68 39.63 -2.00
N LYS Y 11 60.85 40.92 -1.72
CA LYS Y 11 59.83 41.80 -1.08
C LYS Y 11 58.90 41.13 -0.08
N ASN Y 12 59.36 40.02 0.46
CA ASN Y 12 58.50 39.06 1.12
C ASN Y 12 59.31 37.77 1.17
N LYS Y 13 59.54 37.29 2.39
CA LYS Y 13 60.50 36.21 2.59
C LYS Y 13 60.17 35.04 1.68
N PRO Y 14 59.22 34.23 2.09
CA PRO Y 14 58.80 33.10 1.30
C PRO Y 14 57.51 32.55 1.88
N TYR Y 15 56.36 33.04 1.42
CA TYR Y 15 55.06 32.62 1.97
C TYR Y 15 54.57 31.34 1.36
N PRO Y 16 55.27 30.23 1.64
CA PRO Y 16 54.93 28.94 1.06
C PRO Y 16 53.48 28.56 1.39
N LYS Y 17 52.81 29.50 2.06
CA LYS Y 17 51.35 29.55 2.15
C LYS Y 17 50.65 28.21 2.29
N SER Y 18 51.30 27.28 2.97
CA SER Y 18 50.64 26.03 3.31
C SER Y 18 49.79 26.26 4.55
N ARG Y 19 49.92 25.35 5.51
CA ARG Y 19 49.06 25.33 6.70
C ARG Y 19 48.58 26.70 7.13
N TYR Y 20 49.40 27.72 6.88
CA TYR Y 20 49.13 29.03 7.45
C TYR Y 20 48.38 29.94 6.48
N ASN Y 21 48.59 29.77 5.18
CA ASN Y 21 47.85 30.57 4.21
C ASN Y 21 46.94 29.67 3.39
N ARG Y 22 45.81 29.30 3.98
CA ARG Y 22 44.87 28.41 3.33
C ARG Y 22 44.00 29.15 2.30
N ALA Y 23 44.24 28.88 1.02
CA ALA Y 23 43.48 29.42 -0.13
C ALA Y 23 44.36 29.51 -1.38
N VAL Y 24 45.53 28.89 -1.30
CA VAL Y 24 46.45 28.82 -2.41
C VAL Y 24 45.70 28.49 -3.69
N PRO Y 25 45.43 29.50 -4.49
CA PRO Y 25 44.89 29.27 -5.82
C PRO Y 25 45.70 28.18 -6.50
N ASP Y 26 45.12 26.98 -6.61
CA ASP Y 26 45.85 25.79 -7.06
C ASP Y 26 46.84 26.05 -8.19
N SER Y 27 47.83 25.17 -8.29
CA SER Y 27 48.99 25.35 -9.18
C SER Y 27 48.70 25.68 -10.64
N LYS Y 28 49.59 25.21 -11.51
CA LYS Y 28 49.55 25.57 -12.91
C LYS Y 28 50.28 24.50 -13.69
N ILE Y 29 51.30 23.95 -13.07
CA ILE Y 29 52.09 22.91 -13.73
C ILE Y 29 52.03 21.62 -12.93
N ARG Y 30 50.92 20.90 -13.06
CA ARG Y 30 50.81 19.58 -12.44
C ARG Y 30 51.34 18.51 -13.41
N ILE Y 31 52.43 18.84 -14.10
CA ILE Y 31 53.21 17.89 -14.90
C ILE Y 31 54.67 17.88 -14.41
N TYR Y 32 55.46 16.92 -14.93
CA TYR Y 32 56.85 16.79 -14.50
C TYR Y 32 57.57 15.50 -14.92
N ASP Y 33 57.97 15.47 -16.17
CA ASP Y 33 58.74 14.37 -16.76
C ASP Y 33 58.18 14.22 -18.15
N LEU Y 34 56.91 14.61 -18.30
CA LEU Y 34 56.15 14.52 -19.54
C LEU Y 34 57.03 14.15 -20.72
N GLY Y 35 57.06 12.85 -21.05
CA GLY Y 35 58.00 12.33 -22.03
C GLY Y 35 58.06 10.82 -22.04
N LYS Y 36 59.20 10.28 -22.44
CA LYS Y 36 59.35 8.83 -22.62
C LYS Y 36 59.54 8.10 -21.31
N LYS Y 37 58.72 8.46 -20.31
CA LYS Y 37 58.81 7.92 -18.94
C LYS Y 37 59.15 6.42 -18.82
N LYS Y 38 59.07 5.88 -17.61
CA LYS Y 38 59.32 4.45 -17.39
C LYS Y 38 60.54 4.00 -18.18
N ALA Y 39 61.46 4.94 -18.38
CA ALA Y 39 62.59 4.78 -19.29
C ALA Y 39 63.50 3.58 -18.95
N THR Y 40 64.55 3.44 -19.75
CA THR Y 40 65.49 2.33 -19.61
C THR Y 40 66.56 2.54 -18.53
N VAL Y 41 66.91 3.81 -18.28
CA VAL Y 41 68.03 4.21 -17.40
C VAL Y 41 69.35 3.71 -17.96
N ASP Y 42 69.25 2.91 -19.01
CA ASP Y 42 70.27 2.80 -20.04
C ASP Y 42 69.56 3.49 -21.19
N GLU Y 43 69.80 3.09 -22.43
CA GLU Y 43 69.07 3.69 -23.55
C GLU Y 43 69.23 5.22 -23.61
N PHE Y 44 68.12 5.96 -23.48
CA PHE Y 44 68.10 7.44 -23.68
C PHE Y 44 69.14 8.27 -22.88
N PRO Y 45 70.43 8.12 -23.21
CA PRO Y 45 71.53 8.63 -22.36
C PRO Y 45 71.76 10.13 -22.47
N LEU Y 46 73.04 10.51 -22.56
CA LEU Y 46 73.49 11.89 -22.72
C LEU Y 46 72.40 12.98 -22.61
N CYS Y 47 72.24 13.53 -21.43
CA CYS Y 47 71.20 14.55 -21.19
C CYS Y 47 71.72 15.96 -21.34
N VAL Y 48 70.94 16.79 -22.03
CA VAL Y 48 71.21 18.21 -22.11
C VAL Y 48 70.15 18.91 -21.28
N HIS Y 49 70.60 19.83 -20.40
CA HIS Y 49 69.77 20.44 -19.35
C HIS Y 49 69.66 21.96 -19.46
N LEU Y 50 68.59 22.54 -18.94
CA LEU Y 50 68.38 23.98 -19.08
C LEU Y 50 68.49 24.74 -17.77
N VAL Y 51 69.69 25.30 -17.50
CA VAL Y 51 70.02 26.02 -16.25
C VAL Y 51 69.69 27.48 -16.33
N SER Y 52 69.12 28.01 -15.26
CA SER Y 52 68.78 29.43 -15.26
C SER Y 52 69.73 30.22 -14.37
N ASN Y 53 70.29 31.30 -14.91
CA ASN Y 53 71.29 32.02 -14.16
C ASN Y 53 70.73 33.34 -13.69
N GLU Y 54 69.77 33.35 -12.78
CA GLU Y 54 69.27 34.66 -12.31
C GLU Y 54 68.21 34.71 -11.22
N LEU Y 55 68.57 34.38 -9.99
CA LEU Y 55 67.66 34.45 -8.83
C LEU Y 55 66.34 35.17 -9.14
N GLU Y 56 65.40 34.45 -9.75
CA GLU Y 56 64.11 35.01 -10.16
C GLU Y 56 62.92 34.17 -9.71
N GLN Y 57 61.72 34.61 -10.02
CA GLN Y 57 60.54 33.79 -9.79
C GLN Y 57 59.94 33.35 -11.15
N LEU Y 58 60.52 32.29 -11.72
CA LEU Y 58 60.00 31.68 -12.95
C LEU Y 58 58.55 31.33 -12.65
N SER Y 59 57.64 32.19 -13.08
CA SER Y 59 56.23 32.14 -12.62
C SER Y 59 55.57 30.81 -12.76
N SER Y 60 54.26 30.78 -12.51
CA SER Y 60 53.43 29.54 -12.50
C SER Y 60 53.07 29.01 -13.87
N GLU Y 61 52.04 29.66 -14.38
CA GLU Y 61 51.60 29.46 -15.73
C GLU Y 61 52.82 29.38 -16.62
N ALA Y 62 53.81 30.19 -16.30
CA ALA Y 62 54.98 30.31 -17.15
C ALA Y 62 55.61 28.94 -17.31
N LEU Y 63 55.91 28.31 -16.19
CA LEU Y 63 56.49 26.99 -16.24
C LEU Y 63 55.56 26.15 -17.14
N GLU Y 64 54.25 26.35 -16.99
CA GLU Y 64 53.36 25.61 -17.89
C GLU Y 64 53.79 25.78 -19.34
N ALA Y 65 53.51 26.95 -19.90
CA ALA Y 65 53.92 27.25 -21.26
C ALA Y 65 55.21 26.51 -21.60
N ALA Y 66 56.13 26.50 -20.63
CA ALA Y 66 57.36 25.77 -20.79
C ALA Y 66 57.03 24.39 -21.25
N ARG Y 67 56.39 23.64 -20.37
CA ARG Y 67 55.95 22.28 -20.69
C ARG Y 67 55.30 22.20 -22.06
N ILE Y 68 54.25 23.01 -22.22
CA ILE Y 68 53.53 23.07 -23.47
C ILE Y 68 54.51 22.94 -24.61
N CYS Y 69 55.00 24.09 -25.07
CA CYS Y 69 55.88 24.15 -26.22
C CYS Y 69 57.05 23.19 -26.10
N ALA Y 70 57.27 22.69 -24.90
CA ALA Y 70 58.38 21.79 -24.59
C ALA Y 70 58.16 20.49 -25.27
N ASN Y 71 57.05 19.88 -24.86
CA ASN Y 71 56.58 18.65 -25.43
C ASN Y 71 56.25 18.87 -26.89
N LYS Y 72 55.51 19.94 -27.17
CA LYS Y 72 55.12 20.24 -28.55
C LYS Y 72 56.17 19.73 -29.53
N TYR Y 73 57.37 20.32 -29.52
CA TYR Y 73 58.45 19.89 -30.40
C TYR Y 73 59.04 18.55 -29.97
N MET Y 74 59.45 18.48 -28.69
CA MET Y 74 60.04 17.26 -28.18
C MET Y 74 59.47 16.13 -29.01
N THR Y 75 58.15 15.98 -28.96
CA THR Y 75 57.48 14.95 -29.72
C THR Y 75 57.50 15.34 -31.18
N THR Y 76 56.81 16.43 -31.51
CA THR Y 76 56.47 16.79 -32.89
C THR Y 76 57.55 16.55 -33.94
N VAL Y 77 58.80 16.32 -33.51
CA VAL Y 77 59.79 15.80 -34.47
C VAL Y 77 60.75 14.73 -33.93
N SER Y 78 60.28 13.93 -32.97
CA SER Y 78 61.15 12.92 -32.39
C SER Y 78 60.37 11.77 -31.74
N GLY Y 79 59.13 12.02 -31.35
CA GLY Y 79 58.23 10.96 -30.89
C GLY Y 79 57.97 10.86 -29.40
N ARG Y 80 56.99 10.06 -29.03
CA ARG Y 80 56.73 9.79 -27.62
C ARG Y 80 57.87 8.94 -27.07
N ASP Y 81 58.55 8.26 -27.96
CA ASP Y 81 59.81 7.66 -27.59
C ASP Y 81 60.87 8.61 -28.10
N ALA Y 82 61.33 9.50 -27.23
CA ALA Y 82 62.37 10.47 -27.57
C ALA Y 82 62.62 11.43 -26.40
N PHE Y 83 61.52 11.88 -25.79
CA PHE Y 83 61.55 12.90 -24.76
C PHE Y 83 61.93 12.38 -23.35
N HIS Y 84 61.07 12.68 -22.37
CA HIS Y 84 61.32 12.63 -20.93
C HIS Y 84 61.87 13.98 -20.50
N LEU Y 85 60.99 14.97 -20.35
CA LEU Y 85 61.42 16.33 -20.06
C LEU Y 85 61.21 16.65 -18.60
N ARG Y 86 62.14 16.20 -17.74
CA ARG Y 86 62.01 16.35 -16.29
C ARG Y 86 61.77 17.80 -15.90
N VAL Y 87 60.61 18.08 -15.30
CA VAL Y 87 60.25 19.45 -14.98
C VAL Y 87 61.40 20.19 -14.28
N ARG Y 88 61.74 19.79 -13.04
CA ARG Y 88 62.95 20.23 -12.26
C ARG Y 88 63.12 21.71 -11.85
N VAL Y 89 62.04 22.47 -11.89
CA VAL Y 89 61.95 23.68 -11.10
C VAL Y 89 60.90 23.28 -10.06
N HIS Y 90 59.71 23.89 -10.13
CA HIS Y 90 58.56 23.54 -9.29
C HIS Y 90 58.17 24.68 -8.37
N PRO Y 91 56.87 24.91 -8.22
CA PRO Y 91 56.35 26.24 -7.95
C PRO Y 91 55.70 26.53 -6.61
N PHE Y 92 56.46 26.63 -5.53
CA PHE Y 92 55.87 27.09 -4.28
C PHE Y 92 55.64 28.61 -4.29
N HIS Y 93 55.84 29.25 -3.13
CA HIS Y 93 55.55 30.68 -2.91
C HIS Y 93 54.28 31.21 -3.52
N VAL Y 94 53.20 31.23 -2.74
CA VAL Y 94 51.96 31.83 -3.18
C VAL Y 94 52.07 33.33 -3.08
N LEU Y 95 52.14 34.04 -4.22
CA LEU Y 95 52.16 35.51 -4.17
C LEU Y 95 50.73 36.04 -4.00
N ARG Y 96 50.60 37.33 -3.70
CA ARG Y 96 49.28 37.92 -3.42
C ARG Y 96 48.98 39.28 -4.07
N ILE Y 97 47.75 39.77 -3.88
CA ILE Y 97 47.32 41.05 -4.42
C ILE Y 97 46.68 41.88 -3.32
N ASN Y 98 46.29 43.12 -3.63
CA ASN Y 98 45.74 44.05 -2.63
C ASN Y 98 44.33 44.63 -2.95
N LYS Y 99 43.71 45.20 -1.92
CA LYS Y 99 42.38 45.80 -2.03
C LYS Y 99 42.00 46.55 -0.75
N GLN Y 111 37.35 52.32 5.60
CA GLN Y 111 38.56 51.54 5.36
C GLN Y 111 38.93 51.50 3.88
N GLY Y 112 39.44 52.61 3.35
CA GLY Y 112 39.74 52.72 1.94
C GLY Y 112 41.20 52.95 1.57
N MET Y 113 42.11 52.38 2.36
CA MET Y 113 43.54 52.45 2.12
C MET Y 113 44.35 52.10 3.38
N ARG Y 114 43.70 51.45 4.33
CA ARG Y 114 44.23 51.32 5.69
C ARG Y 114 44.67 49.90 6.07
N GLY Y 115 45.89 49.52 5.70
CA GLY Y 115 46.47 48.27 6.14
C GLY Y 115 45.90 47.01 5.51
N ALA Y 116 46.57 46.54 4.47
CA ALA Y 116 46.11 45.39 3.71
C ALA Y 116 47.20 44.38 3.41
N TRP Y 117 46.98 43.13 3.80
CA TRP Y 117 47.83 42.03 3.35
C TRP Y 117 47.30 41.36 2.07
N GLY Y 118 48.16 40.58 1.42
CA GLY Y 118 47.80 40.01 0.15
C GLY Y 118 46.90 38.81 0.30
N LYS Y 119 46.01 38.60 -0.68
CA LYS Y 119 45.26 37.35 -0.80
C LYS Y 119 45.92 36.54 -1.89
N PRO Y 120 46.14 35.26 -1.67
CA PRO Y 120 47.02 34.54 -2.57
C PRO Y 120 46.69 34.93 -3.99
N HIS Y 121 47.63 34.80 -4.92
CA HIS Y 121 47.36 35.19 -6.31
C HIS Y 121 48.20 34.52 -7.40
N GLY Y 122 48.60 33.28 -7.15
CA GLY Y 122 49.33 32.49 -8.13
C GLY Y 122 50.67 32.06 -7.57
N LEU Y 123 51.04 30.81 -7.83
CA LEU Y 123 52.23 30.25 -7.21
C LEU Y 123 53.38 30.16 -8.21
N ALA Y 124 54.52 30.81 -7.94
CA ALA Y 124 55.71 30.67 -8.78
C ALA Y 124 56.91 30.05 -8.07
N ALA Y 125 58.07 30.05 -8.72
CA ALA Y 125 59.20 29.40 -8.08
C ALA Y 125 60.56 30.06 -8.29
N ARG Y 126 61.43 29.91 -7.29
CA ARG Y 126 62.69 30.65 -7.19
C ARG Y 126 63.83 29.97 -7.91
N VAL Y 127 64.09 30.42 -9.12
CA VAL Y 127 65.23 29.95 -9.85
C VAL Y 127 66.48 30.60 -9.28
N ASP Y 128 67.20 29.88 -8.43
CA ASP Y 128 68.47 30.41 -7.97
C ASP Y 128 69.39 30.50 -9.18
N ILE Y 129 70.14 31.60 -9.28
CA ILE Y 129 71.03 31.83 -10.42
C ILE Y 129 72.09 30.75 -10.49
N GLY Y 130 71.81 29.72 -11.29
CA GLY Y 130 72.69 28.57 -11.45
C GLY Y 130 71.87 27.28 -11.39
N GLN Y 131 70.66 27.38 -10.87
CA GLN Y 131 69.77 26.24 -10.75
C GLN Y 131 69.39 25.64 -12.12
N ILE Y 132 69.07 24.34 -12.12
CA ILE Y 132 68.58 23.63 -13.32
C ILE Y 132 67.05 23.74 -13.40
N ILE Y 133 66.54 24.09 -14.56
CA ILE Y 133 65.11 24.20 -14.78
C ILE Y 133 64.71 23.12 -15.81
N PHE Y 134 63.41 23.05 -16.15
CA PHE Y 134 62.76 22.07 -17.09
C PHE Y 134 63.70 21.22 -17.92
N SER Y 135 64.59 20.48 -17.27
CA SER Y 135 65.72 19.85 -17.98
C SER Y 135 65.51 18.38 -18.28
N VAL Y 136 65.72 18.03 -19.56
CA VAL Y 136 65.41 16.70 -20.11
C VAL Y 136 66.62 15.92 -20.59
N ARG Y 137 66.37 14.68 -21.00
CA ARG Y 137 67.43 13.69 -21.24
C ARG Y 137 67.09 12.68 -22.33
N THR Y 138 68.04 12.42 -23.23
CA THR Y 138 67.77 11.53 -24.36
C THR Y 138 69.03 10.93 -24.97
N LYS Y 139 68.86 10.01 -25.92
CA LYS Y 139 69.96 9.29 -26.53
C LYS Y 139 70.78 10.15 -27.49
N ASP Y 140 72.01 9.72 -27.75
CA ASP Y 140 72.95 10.48 -28.57
C ASP Y 140 72.31 11.02 -29.85
N SER Y 141 71.75 10.12 -30.64
CA SER Y 141 71.18 10.49 -31.91
C SER Y 141 70.00 11.45 -31.78
N ASN Y 142 69.83 12.07 -30.61
CA ASN Y 142 68.73 13.04 -30.45
C ASN Y 142 69.26 14.45 -30.23
N LYS Y 143 70.58 14.57 -30.19
CA LYS Y 143 71.25 15.79 -29.74
C LYS Y 143 70.48 17.03 -30.10
N ASP Y 144 70.76 17.52 -31.30
CA ASP Y 144 70.19 18.78 -31.77
C ASP Y 144 68.69 18.76 -31.64
N VAL Y 145 68.13 17.59 -31.91
CA VAL Y 145 66.73 17.38 -31.62
C VAL Y 145 66.51 18.17 -30.35
N VAL Y 146 66.79 17.49 -29.24
CA VAL Y 146 66.58 18.06 -27.92
C VAL Y 146 67.06 19.49 -27.96
N VAL Y 147 68.33 19.69 -28.29
CA VAL Y 147 68.93 21.01 -28.10
C VAL Y 147 68.02 22.06 -28.73
N GLU Y 148 67.78 21.95 -30.03
CA GLU Y 148 67.14 23.03 -30.77
C GLU Y 148 65.86 23.35 -30.04
N GLY Y 149 65.23 22.28 -29.58
CA GLY Y 149 63.95 22.38 -28.95
C GLY Y 149 63.98 23.22 -27.69
N LEU Y 150 64.83 22.84 -26.75
CA LEU Y 150 64.82 23.56 -25.49
C LEU Y 150 64.95 25.03 -25.86
N ARG Y 151 65.62 25.36 -26.96
CA ARG Y 151 65.77 26.77 -27.36
C ARG Y 151 64.42 27.41 -27.18
N ARG Y 152 63.43 26.89 -27.90
CA ARG Y 152 62.04 27.29 -27.74
C ARG Y 152 61.78 27.94 -26.38
N ALA Y 153 61.88 27.15 -25.33
CA ALA Y 153 61.57 27.62 -23.99
C ALA Y 153 62.28 28.90 -23.64
N ARG Y 154 63.60 28.88 -23.68
CA ARG Y 154 64.41 30.06 -23.36
C ARG Y 154 63.76 31.32 -23.89
N TYR Y 155 63.12 31.17 -25.06
CA TYR Y 155 62.40 32.23 -25.77
C TYR Y 155 61.06 32.47 -25.09
N LYS Y 156 60.54 31.41 -24.47
CA LYS Y 156 59.40 31.54 -23.57
C LYS Y 156 59.96 31.78 -22.20
N PHE Y 157 59.11 32.10 -21.24
CA PHE Y 157 59.54 32.04 -19.84
C PHE Y 157 60.66 33.03 -19.41
N PRO Y 158 60.23 34.24 -19.06
CA PRO Y 158 61.08 35.24 -18.41
C PRO Y 158 62.57 34.87 -18.36
N GLY Y 159 63.17 34.60 -19.52
CA GLY Y 159 64.50 33.98 -19.65
C GLY Y 159 65.72 34.69 -19.00
N GLN Y 160 66.77 33.97 -18.58
CA GLN Y 160 66.91 32.49 -18.43
C GLN Y 160 68.12 31.92 -19.18
N GLN Y 161 68.11 30.60 -19.34
CA GLN Y 161 68.86 29.90 -20.39
C GLN Y 161 70.29 29.39 -20.16
N LYS Y 162 70.39 28.08 -20.14
CA LYS Y 162 71.68 27.42 -20.22
C LYS Y 162 71.75 26.66 -21.53
N ILE Y 163 70.70 25.92 -21.83
CA ILE Y 163 70.77 24.94 -22.90
C ILE Y 163 72.16 24.33 -22.84
N ILE Y 164 72.53 23.79 -21.67
CA ILE Y 164 73.87 23.20 -21.43
C ILE Y 164 73.91 21.67 -21.67
N LEU Y 165 75.06 21.16 -22.13
CA LEU Y 165 75.21 19.73 -22.38
C LEU Y 165 76.01 19.15 -21.23
N SER Y 166 75.69 17.92 -20.76
CA SER Y 166 76.06 17.48 -19.39
C SER Y 166 76.87 16.19 -19.13
N LYS Y 167 76.42 15.46 -18.12
CA LYS Y 167 77.17 14.36 -17.55
C LYS Y 167 76.58 14.09 -16.16
N LYS Y 168 77.30 13.39 -15.27
CA LYS Y 168 76.76 12.99 -13.96
C LYS Y 168 77.86 12.43 -13.03
N TRP Y 169 77.61 11.71 -11.91
CA TRP Y 169 76.34 11.27 -11.30
C TRP Y 169 75.73 10.14 -12.09
N GLY Y 170 74.45 10.31 -12.40
CA GLY Y 170 73.81 9.50 -13.41
C GLY Y 170 72.32 9.78 -13.51
N PHE Y 171 71.99 11.05 -13.67
CA PHE Y 171 70.60 11.44 -13.91
C PHE Y 171 70.33 11.25 -15.38
N THR Y 172 71.38 10.80 -16.05
CA THR Y 172 71.44 10.75 -17.50
C THR Y 172 72.54 9.79 -17.86
N ASN Y 173 73.00 9.85 -19.11
CA ASN Y 173 74.08 8.98 -19.56
C ASN Y 173 74.85 8.34 -18.39
N LEU Y 174 75.59 9.12 -17.59
CA LEU Y 174 75.91 10.54 -17.79
C LEU Y 174 77.21 10.85 -17.07
N ASP Y 175 78.22 11.31 -17.81
CA ASP Y 175 79.57 11.42 -17.32
C ASP Y 175 79.76 11.90 -15.88
N ARG Y 176 79.97 11.02 -14.89
CA ARG Y 176 79.91 9.54 -14.94
C ARG Y 176 80.05 8.69 -16.24
N PRO Y 177 80.48 9.28 -17.35
CA PRO Y 177 80.52 8.54 -18.59
C PRO Y 177 81.44 7.40 -18.34
N GLU Y 178 82.71 7.71 -18.07
CA GLU Y 178 83.68 6.69 -17.70
C GLU Y 178 83.18 5.90 -16.51
N TYR Y 179 82.38 6.54 -15.66
CA TYR Y 179 81.80 5.81 -14.53
C TYR Y 179 80.87 4.68 -14.98
N LEU Y 180 79.60 4.98 -15.28
CA LEU Y 180 78.65 3.93 -15.62
C LEU Y 180 79.25 3.06 -16.69
N LYS Y 181 79.97 3.67 -17.62
CA LYS Y 181 80.70 2.91 -18.64
C LYS Y 181 81.75 2.03 -17.96
N LYS Y 182 82.00 2.28 -16.68
CA LYS Y 182 82.86 1.41 -15.85
C LYS Y 182 82.03 0.42 -14.99
N ARG Y 183 81.06 0.92 -14.24
CA ARG Y 183 80.07 0.06 -13.61
C ARG Y 183 79.28 -0.68 -14.67
N GLU Y 184 79.95 -0.94 -15.80
CA GLU Y 184 79.56 -2.05 -16.63
C GLU Y 184 79.13 -3.12 -15.65
N ALA Y 185 80.07 -3.56 -14.82
CA ALA Y 185 79.77 -4.60 -13.84
C ALA Y 185 79.14 -4.04 -12.55
N GLY Y 186 77.81 -4.18 -12.42
CA GLY Y 186 77.01 -3.85 -11.21
C GLY Y 186 75.81 -2.90 -11.40
N GLU Y 187 75.53 -2.15 -10.35
CA GLU Y 187 74.44 -1.18 -10.28
C GLU Y 187 74.17 -0.91 -8.80
N VAL Y 188 73.96 0.35 -8.43
CA VAL Y 188 73.91 0.76 -7.02
C VAL Y 188 74.90 -0.06 -6.13
N LYS Y 189 74.67 -0.12 -4.82
CA LYS Y 189 75.57 -0.85 -3.91
C LYS Y 189 75.85 -2.23 -4.50
N ASP Y 190 77.06 -2.74 -4.34
CA ASP Y 190 78.18 -2.07 -3.68
C ASP Y 190 77.96 -1.86 -2.19
N ASP Y 191 77.97 -0.59 -1.76
CA ASP Y 191 77.88 -0.25 -0.35
C ASP Y 191 78.85 -1.03 0.51
N GLY Y 192 78.34 -1.63 1.57
CA GLY Y 192 79.16 -2.38 2.51
C GLY Y 192 79.71 -3.67 1.88
N ALA Y 193 79.63 -4.75 2.65
CA ALA Y 193 80.01 -6.07 2.18
C ALA Y 193 79.41 -7.08 3.16
N PHE Y 194 78.34 -7.77 2.75
CA PHE Y 194 77.58 -8.71 3.60
C PHE Y 194 76.54 -9.59 2.87
N VAL Y 195 75.25 -9.32 3.13
CA VAL Y 195 74.14 -10.05 2.50
C VAL Y 195 73.96 -9.73 1.02
N LYS Y 196 74.81 -10.31 0.17
CA LYS Y 196 74.84 -9.98 -1.26
C LYS Y 196 73.61 -10.46 -2.05
N PHE Y 197 72.51 -9.74 -1.91
CA PHE Y 197 71.31 -10.00 -2.68
C PHE Y 197 71.17 -8.97 -3.80
N LEU Y 198 72.23 -8.84 -4.58
CA LEU Y 198 72.21 -8.08 -5.82
C LEU Y 198 73.04 -8.84 -6.85
N SER Y 199 72.69 -10.12 -7.04
CA SER Y 199 73.35 -11.05 -7.96
C SER Y 199 74.51 -10.51 -8.80
N LYS Y 200 75.63 -10.24 -8.13
CA LYS Y 200 76.80 -9.65 -8.79
C LYS Y 200 77.63 -10.66 -9.58
N LYS Y 201 77.47 -11.95 -9.24
CA LYS Y 201 78.21 -13.03 -9.89
C LYS Y 201 79.58 -13.22 -9.27
N GLY Y 202 80.06 -14.46 -9.18
CA GLY Y 202 79.36 -15.64 -9.71
C GLY Y 202 79.77 -16.95 -9.03
N SER Y 203 78.96 -17.46 -8.12
CA SER Y 203 79.24 -18.75 -7.47
C SER Y 203 78.09 -19.32 -6.64
N LEU Y 204 77.60 -18.55 -5.65
CA LEU Y 204 78.09 -17.21 -5.35
C LEU Y 204 78.51 -17.07 -3.88
N GLU Y 205 77.55 -16.78 -3.02
CA GLU Y 205 77.77 -16.58 -1.59
C GLU Y 205 79.08 -17.21 -1.10
N ASN Y 206 79.10 -18.54 -1.01
CA ASN Y 206 80.28 -19.28 -0.59
C ASN Y 206 81.55 -18.45 -0.72
N ASN Y 207 82.15 -18.49 -1.92
CA ASN Y 207 83.39 -17.78 -2.19
C ASN Y 207 83.48 -16.43 -1.49
N ILE Y 208 82.60 -15.53 -1.85
CA ILE Y 208 82.61 -14.20 -1.27
C ILE Y 208 82.73 -14.30 0.24
N ARG Y 209 81.75 -14.95 0.85
CA ARG Y 209 81.69 -15.04 2.32
C ARG Y 209 82.98 -15.64 2.90
N GLU Y 210 83.77 -16.27 2.03
CA GLU Y 210 85.10 -16.67 2.40
C GLU Y 210 85.89 -15.39 2.55
N PHE Y 211 86.37 -14.85 1.43
CA PHE Y 211 87.08 -13.58 1.42
C PHE Y 211 86.49 -12.61 2.43
N PRO Y 212 85.16 -12.48 2.41
CA PRO Y 212 84.45 -11.56 3.28
C PRO Y 212 85.03 -11.41 4.68
N GLU Y 213 84.76 -12.38 5.55
CA GLU Y 213 85.27 -12.34 6.91
C GLU Y 213 86.77 -12.57 6.91
N TYR Y 214 87.27 -13.20 5.85
CA TYR Y 214 88.69 -13.47 5.72
C TYR Y 214 89.51 -12.21 6.01
N PHE Y 215 88.85 -11.06 6.01
CA PHE Y 215 89.50 -9.79 6.31
C PHE Y 215 88.96 -9.20 7.60
N ALA Y 216 87.65 -9.29 7.78
CA ALA Y 216 87.05 -8.89 9.04
C ALA Y 216 87.88 -9.52 10.16
N ALA Y 217 88.42 -10.70 9.87
CA ALA Y 217 89.23 -11.46 10.81
C ALA Y 217 90.56 -10.80 10.99
N GLN Y 218 91.05 -10.20 9.92
CA GLN Y 218 92.28 -9.43 9.97
C GLN Y 218 92.04 -8.15 10.76
N ALA Y 219 91.38 -8.30 11.91
CA ALA Y 219 91.14 -7.19 12.83
C ALA Y 219 90.38 -7.67 14.07
N VAL Z 1 21.21 16.12 34.40
CA VAL Z 1 21.51 15.09 33.41
C VAL Z 1 21.79 13.72 34.07
N ASN Z 2 20.74 13.07 34.58
CA ASN Z 2 20.91 11.84 35.37
C ASN Z 2 21.74 12.09 36.64
N VAL Z 3 21.07 12.35 37.77
CA VAL Z 3 21.71 12.78 39.03
C VAL Z 3 21.82 11.68 40.07
N PRO Z 4 20.76 10.90 40.21
CA PRO Z 4 20.66 9.91 41.28
C PRO Z 4 20.06 10.56 42.51
N LYS Z 5 18.86 10.10 42.89
CA LYS Z 5 18.11 10.68 43.99
C LYS Z 5 19.00 10.94 45.19
N THR Z 6 19.24 9.91 45.97
CA THR Z 6 20.03 10.05 47.18
C THR Z 6 21.38 9.35 47.04
N ARG Z 7 22.45 10.06 47.35
CA ARG Z 7 23.80 9.49 47.34
C ARG Z 7 24.69 10.08 48.42
N LYS Z 8 25.35 9.20 49.17
CA LYS Z 8 26.19 9.60 50.29
C LYS Z 8 27.22 10.65 49.87
N THR Z 9 26.84 11.92 49.98
CA THR Z 9 27.75 13.02 49.69
C THR Z 9 28.30 13.61 51.00
N TYR Z 10 29.05 12.78 51.73
CA TYR Z 10 29.59 13.13 53.05
C TYR Z 10 28.73 14.13 53.82
N CYS Z 11 29.07 15.42 53.70
CA CYS Z 11 28.28 16.50 54.28
C CYS Z 11 28.47 16.65 55.79
N LYS Z 12 27.39 16.99 56.50
CA LYS Z 12 27.39 17.15 57.94
C LYS Z 12 26.06 17.74 58.39
N GLY Z 13 26.13 18.85 59.11
CA GLY Z 13 24.92 19.62 59.48
C GLY Z 13 25.19 20.80 60.42
N LYS Z 14 25.78 20.56 61.60
CA LYS Z 14 26.27 19.25 61.99
C LYS Z 14 25.34 18.54 62.98
N THR Z 15 25.75 18.47 64.24
CA THR Z 15 25.08 17.59 65.19
C THR Z 15 24.96 16.25 64.48
N CYS Z 16 25.98 15.95 63.69
CA CYS Z 16 26.00 14.77 62.84
C CYS Z 16 27.41 14.58 62.31
N ARG Z 17 27.72 15.28 61.21
CA ARG Z 17 29.03 15.15 60.57
C ARG Z 17 29.25 13.75 60.01
N LYS Z 18 30.30 13.61 59.19
CA LYS Z 18 30.56 12.40 58.41
C LYS Z 18 29.70 12.29 57.15
N HIS Z 19 29.33 11.09 56.75
CA HIS Z 19 28.46 10.94 55.60
C HIS Z 19 27.00 10.79 56.02
N THR Z 20 26.13 10.57 55.04
CA THR Z 20 24.72 10.36 55.29
C THR Z 20 23.94 10.48 53.97
N GLN Z 21 23.29 9.39 53.57
CA GLN Z 21 22.47 9.43 52.37
C GLN Z 21 21.48 10.59 52.47
N HIS Z 22 21.39 11.37 51.39
CA HIS Z 22 20.54 12.55 51.38
C HIS Z 22 19.53 12.53 50.22
N LYS Z 23 18.24 12.54 50.53
CA LYS Z 23 17.22 12.61 49.50
C LYS Z 23 17.30 13.99 48.88
N VAL Z 24 17.74 14.03 47.63
CA VAL Z 24 18.11 15.30 46.99
C VAL Z 24 17.20 15.77 45.84
N THR Z 25 16.21 16.59 46.18
CA THR Z 25 15.35 17.20 45.17
C THR Z 25 15.98 18.51 44.71
N GLN Z 26 15.51 19.04 43.59
CA GLN Z 26 15.97 20.34 43.16
C GLN Z 26 14.99 21.41 43.68
N TYR Z 27 15.42 22.67 43.72
CA TYR Z 27 14.62 23.74 44.35
C TYR Z 27 13.56 24.33 43.46
N LYS Z 28 12.45 24.74 44.06
CA LYS Z 28 11.33 25.31 43.31
C LYS Z 28 11.25 26.83 43.47
N ALA Z 29 10.03 27.35 43.52
CA ALA Z 29 9.82 28.79 43.66
C ALA Z 29 9.10 29.14 44.98
N GLY Z 30 8.60 30.36 45.08
CA GLY Z 30 7.90 30.82 46.26
C GLY Z 30 7.21 32.17 46.09
N LYS Z 31 5.90 32.20 46.28
CA LYS Z 31 5.13 33.44 46.15
C LYS Z 31 5.59 34.44 47.19
N ALA Z 32 5.24 35.73 47.00
CA ALA Z 32 5.60 36.79 47.94
C ALA Z 32 4.44 37.74 48.22
N SER Z 33 3.86 38.28 47.15
CA SER Z 33 2.68 39.13 47.20
C SER Z 33 2.23 39.61 48.59
N LEU Z 34 2.46 40.90 48.85
CA LEU Z 34 1.87 41.58 50.01
C LEU Z 34 2.55 41.28 51.35
N PHE Z 35 3.80 40.83 51.29
CA PHE Z 35 4.61 40.67 52.49
C PHE Z 35 5.93 41.37 52.24
N ALA Z 36 6.55 41.01 51.12
CA ALA Z 36 7.87 41.53 50.76
C ALA Z 36 7.99 43.02 51.04
N GLN Z 37 9.07 43.41 51.70
CA GLN Z 37 9.41 44.82 51.79
C GLN Z 37 9.35 45.28 50.36
N GLY Z 38 10.08 44.56 49.50
CA GLY Z 38 10.09 44.83 48.07
C GLY Z 38 8.75 45.44 47.75
N LYS Z 39 7.70 44.85 48.30
CA LYS Z 39 6.35 45.38 48.13
C LYS Z 39 6.09 46.54 49.07
N ARG Z 40 6.13 46.28 50.37
CA ARG Z 40 5.89 47.29 51.39
C ARG Z 40 6.24 48.71 50.93
N ARG Z 41 7.30 48.82 50.13
CA ARG Z 41 7.68 50.12 49.57
C ARG Z 41 7.36 50.20 48.07
N TYR Z 42 7.59 49.11 47.35
CA TYR Z 42 7.42 49.12 45.89
C TYR Z 42 5.96 49.26 45.47
N ASP Z 43 5.08 49.43 46.46
CA ASP Z 43 3.73 49.84 46.18
C ASP Z 43 3.74 51.37 46.07
N ARG Z 44 3.65 51.85 44.82
CA ARG Z 44 3.70 53.28 44.54
C ARG Z 44 3.34 53.56 43.07
N LYS Z 45 4.03 54.55 42.51
CA LYS Z 45 3.74 55.16 41.20
C LYS Z 45 3.99 56.63 41.44
N GLN Z 46 3.27 57.13 42.43
CA GLN Z 46 3.58 58.32 43.16
C GLN Z 46 2.83 59.50 42.67
N SER Z 47 1.56 59.38 42.26
CA SER Z 47 0.81 58.13 42.23
C SER Z 47 -0.41 58.24 41.31
N GLY Z 48 -0.63 59.45 40.77
CA GLY Z 48 -1.71 59.73 39.84
C GLY Z 48 -1.30 59.27 38.46
N PHE Z 49 -0.07 58.79 38.38
CA PHE Z 49 0.50 58.16 37.20
C PHE Z 49 1.82 57.53 37.64
N GLY Z 50 2.42 56.68 36.78
CA GLY Z 50 3.59 55.94 37.20
C GLY Z 50 4.62 55.59 36.15
N GLY Z 51 4.85 54.29 35.98
CA GLY Z 51 5.87 53.78 35.08
C GLY Z 51 6.40 52.46 35.59
N GLN Z 52 7.20 52.53 36.64
CA GLN Z 52 7.72 51.35 37.34
C GLN Z 52 9.00 51.72 38.08
N THR Z 53 10.04 50.95 37.82
CA THR Z 53 11.36 51.20 38.40
C THR Z 53 12.47 50.83 37.42
N LYS Z 54 13.52 51.65 37.41
CA LYS Z 54 14.63 51.56 36.46
C LYS Z 54 14.96 50.17 35.91
N PRO Z 55 14.83 49.14 36.74
CA PRO Z 55 15.07 47.78 36.30
C PRO Z 55 13.77 46.99 36.21
N VAL Z 56 13.05 47.15 35.11
CA VAL Z 56 11.76 46.48 34.93
C VAL Z 56 11.26 46.43 33.49
N PHE Z 57 11.88 45.62 32.63
CA PHE Z 57 13.03 44.76 32.93
C PHE Z 57 13.58 44.11 31.64
N HIS Z 58 12.91 44.39 30.52
CA HIS Z 58 13.18 43.75 29.23
C HIS Z 58 14.65 43.83 28.79
N LYS Z 59 15.39 42.76 29.00
CA LYS Z 59 16.82 42.71 28.66
C LYS Z 59 17.09 41.71 27.54
N LYS Z 60 17.78 40.63 27.88
CA LYS Z 60 18.09 39.58 26.93
C LYS Z 60 18.59 38.34 27.67
N ALA Z 61 17.73 37.34 27.81
CA ALA Z 61 18.04 36.16 28.62
C ALA Z 61 19.19 35.30 28.09
N LYS Z 62 19.33 34.11 28.67
CA LYS Z 62 20.47 33.25 28.42
C LYS Z 62 20.07 31.88 27.92
N THR Z 63 18.77 31.59 28.00
CA THR Z 63 18.24 30.30 27.56
C THR Z 63 18.83 29.13 28.34
N THR Z 64 19.15 29.33 29.61
CA THR Z 64 19.67 28.25 30.45
C THR Z 64 19.75 28.61 31.93
N LYS Z 65 18.67 28.44 32.67
CA LYS Z 65 18.67 28.70 34.11
C LYS Z 65 19.69 27.79 34.80
N LYS Z 66 19.42 27.41 36.04
CA LYS Z 66 20.33 26.51 36.74
C LYS Z 66 19.60 25.52 37.67
N VAL Z 67 20.20 24.34 37.86
CA VAL Z 67 19.69 23.31 38.75
C VAL Z 67 19.92 23.79 40.16
N VAL Z 68 18.85 23.89 40.93
CA VAL Z 68 18.98 24.23 42.32
C VAL Z 68 18.99 22.96 43.15
N LEU Z 69 20.02 22.14 42.95
CA LEU Z 69 20.15 20.86 43.65
C LEU Z 69 20.02 21.09 45.14
N ARG Z 70 19.15 20.30 45.77
CA ARG Z 70 18.80 20.50 47.16
C ARG Z 70 19.00 19.24 47.98
N LEU Z 71 20.24 18.78 48.04
CA LEU Z 71 20.58 17.63 48.87
C LEU Z 71 20.16 17.80 50.34
N GLU Z 72 19.79 16.70 50.99
CA GLU Z 72 19.28 16.73 52.36
C GLU Z 72 19.27 15.35 53.01
N CYS Z 73 20.15 15.14 53.99
CA CYS Z 73 20.21 13.88 54.72
C CYS Z 73 18.96 13.68 55.57
N VAL Z 74 18.90 12.55 56.27
CA VAL Z 74 17.78 12.25 57.16
C VAL Z 74 18.27 11.90 58.56
N LYS Z 75 19.48 11.34 58.65
CA LYS Z 75 20.07 11.05 59.95
C LYS Z 75 20.62 12.34 60.55
N CYS Z 76 21.41 13.07 59.75
CA CYS Z 76 21.92 14.39 60.15
C CYS Z 76 20.76 15.23 60.61
N LYS Z 77 19.55 14.76 60.31
CA LYS Z 77 18.31 15.39 60.75
C LYS Z 77 18.15 16.78 60.14
N THR Z 78 19.22 17.27 59.53
CA THR Z 78 19.23 18.61 58.97
C THR Z 78 20.59 18.83 58.31
N ARG Z 79 20.67 19.82 57.43
CA ARG Z 79 19.52 20.61 57.02
C ARG Z 79 19.54 20.74 55.51
N ALA Z 80 18.39 20.53 54.87
CA ALA Z 80 18.28 20.59 53.42
C ALA Z 80 19.33 21.52 52.82
N GLN Z 81 20.44 20.94 52.40
CA GLN Z 81 21.59 21.71 51.93
C GLN Z 81 21.57 21.92 50.43
N LEU Z 82 21.65 23.17 49.99
CA LEU Z 82 21.62 23.48 48.57
C LEU Z 82 22.99 23.30 47.90
N THR Z 83 22.99 22.93 46.62
CA THR Z 83 24.21 22.85 45.81
C THR Z 83 23.93 23.57 44.49
N LEU Z 84 24.90 23.56 43.57
CA LEU Z 84 24.71 24.30 42.33
C LEU Z 84 25.36 23.67 41.10
N LYS Z 85 24.57 22.89 40.35
CA LYS Z 85 24.99 22.36 39.06
C LYS Z 85 24.45 23.32 38.00
N ARG Z 86 25.28 23.66 37.01
CA ARG Z 86 24.90 24.64 35.97
C ARG Z 86 25.13 24.15 34.54
N CYS Z 87 24.01 23.86 33.87
CA CYS Z 87 23.99 23.29 32.53
C CYS Z 87 22.56 22.82 32.24
N LYS Z 88 21.90 23.50 31.31
CA LYS Z 88 20.54 23.15 30.94
C LYS Z 88 20.42 23.06 29.41
N HIS Z 89 19.50 22.22 28.92
CA HIS Z 89 18.55 21.53 29.78
C HIS Z 89 18.95 20.10 30.16
N PHE Z 90 18.28 19.56 31.18
CA PHE Z 90 18.54 18.23 31.71
C PHE Z 90 17.41 17.72 32.65
N GLU Z 91 17.71 16.72 33.46
CA GLU Z 91 16.70 16.10 34.32
C GLU Z 91 17.29 15.02 35.23
N LEU Z 92 16.54 14.66 36.27
CA LEU Z 92 16.99 13.78 37.36
C LEU Z 92 17.58 12.43 36.89
N GLY Z 93 17.47 11.43 37.74
CA GLY Z 93 18.12 10.13 37.52
C GLY Z 93 17.51 9.19 36.45
N GLY Z 94 18.30 8.83 35.45
CA GLY Z 94 17.79 8.02 34.33
C GLY Z 94 17.83 6.49 34.56
N GLU Z 95 18.93 5.78 34.23
CA GLU Z 95 20.15 6.28 33.62
C GLU Z 95 20.77 5.25 32.67
#